data_3TJZ
#
_entry.id   3TJZ
#
_cell.length_a   163.579
_cell.length_b   163.579
_cell.length_c   145.188
_cell.angle_alpha   90.00
_cell.angle_beta   90.00
_cell.angle_gamma   90.00
#
_symmetry.space_group_name_H-M   'P 42 21 2'
#
loop_
_entity.id
_entity.type
_entity.pdbx_description
1 polymer 'ADP-ribosylation factor 1'
2 polymer 'Coatomer subunit gamma'
3 polymer 'Coatomer subunit zeta-1'
4 non-polymer 'PHOSPHOAMINOPHOSPHONIC ACID-GUANYLATE ESTER'
5 non-polymer 'MAGNESIUM ION'
#
loop_
_entity_poly.entity_id
_entity_poly.type
_entity_poly.pdbx_seq_one_letter_code
_entity_poly.pdbx_strand_id
1 'polypeptide(L)'
;MRILMVGLDGAGKTTVLYKLKLGEVITTIPTIGFNVETVQYKNISFTVWDVGGQDRIRSLWRHYYRNTEGVIFVVDSNDR
SRIGEAREVMQRMLNEDELRNAAWLVFANKQDLPEAMSAAEITEKLGLHSIRNRPWFIQATCATSGEGLYEGLEWLSNSL
KNST
;
A,D
2 'polypeptide(L)'
;MLKKFDKKDEESGGGSNPFQHLEKSAVLQEARVFNETPINPRKCAHILTKILYLINQGEHLGTTEATEAFFAMTKLFQSN
DPTLRRMCYLTIKEMSCIAEDVIIVTSSLTKDMTGKEDSYRGPAVRALCQITDSTMLQAIERYMKQAIVDKVPSVSSSAL
VSSLHLLKCSFDVVKRWVNEAQEAASSDNIMVQYHALGLLYHVRKNDRLAVSKMISKFTRHGLKSPFAYCMMIRVASRQL
EDEDGSRDSPLFDFIESCLRNKHEMVVYEAASAIVNLPGCSAKELAPAVSVLQLFCSSPKAALRYAAVRTLNKVAMKHPS
AVTACNLDLENLVTDANRSIATLAITTLLKTGSEG
;
B,E
3 'polypeptide(L)'
;MEALILEPSLYTVKAILILDNDGDRLFAKYYDDTYPSVKEQKAFEKNIFNKTHRTDSEIALLEGLTVVYKSSIDLYFYVI
GSSYENELMLMTVLNCLFDSLSQMLRKNVEKRALLENMEGLFLAVDEIVDGGVILESDPQQVVHRVALRGEDV
;
C,F
#
loop_
_chem_comp.id
_chem_comp.type
_chem_comp.name
_chem_comp.formula
GNP non-polymer 'PHOSPHOAMINOPHOSPHONIC ACID-GUANYLATE ESTER' 'C10 H17 N6 O13 P3'
MG non-polymer 'MAGNESIUM ION' 'Mg 2'
#
# COMPACT_ATOMS: atom_id res chain seq x y z
N MET A 1 -1.11 9.35 -37.18
CA MET A 1 -2.37 8.90 -36.57
C MET A 1 -2.30 8.61 -35.06
N ARG A 2 -3.23 9.21 -34.31
CA ARG A 2 -3.28 9.07 -32.86
C ARG A 2 -4.26 7.99 -32.36
N ILE A 3 -3.71 7.03 -31.61
CA ILE A 3 -4.44 5.83 -31.20
C ILE A 3 -4.47 5.67 -29.67
N LEU A 4 -5.65 5.39 -29.11
CA LEU A 4 -5.77 5.08 -27.69
C LEU A 4 -6.13 3.61 -27.52
N MET A 5 -5.26 2.86 -26.86
CA MET A 5 -5.49 1.46 -26.62
C MET A 5 -5.74 1.19 -25.13
N VAL A 6 -6.96 0.72 -24.87
CA VAL A 6 -7.39 0.42 -23.53
C VAL A 6 -8.15 -0.90 -23.51
N GLY A 7 -8.53 -1.30 -22.31
CA GLY A 7 -9.19 -2.56 -22.09
C GLY A 7 -8.92 -2.90 -20.65
N LEU A 8 -9.58 -3.93 -20.13
CA LEU A 8 -9.40 -4.30 -18.73
C LEU A 8 -7.98 -4.77 -18.51
N ASP A 9 -7.56 -4.79 -17.25
CA ASP A 9 -6.25 -5.30 -16.88
C ASP A 9 -6.07 -6.76 -17.33
N GLY A 10 -4.89 -7.06 -17.84
CA GLY A 10 -4.56 -8.40 -18.31
C GLY A 10 -5.13 -8.81 -19.65
N ALA A 11 -5.70 -7.88 -20.39
CA ALA A 11 -6.26 -8.18 -21.69
C ALA A 11 -5.16 -8.46 -22.69
N GLY A 12 -3.96 -7.93 -22.41
CA GLY A 12 -2.87 -7.97 -23.35
C GLY A 12 -2.47 -6.69 -24.07
N LYS A 13 -2.86 -5.52 -23.55
CA LYS A 13 -2.54 -4.26 -24.21
C LYS A 13 -1.04 -3.98 -24.38
N THR A 14 -0.23 -4.16 -23.33
CA THR A 14 1.20 -3.86 -23.48
C THR A 14 1.90 -4.92 -24.33
N THR A 15 1.57 -6.18 -24.10
CA THR A 15 2.07 -7.24 -24.96
C THR A 15 1.86 -6.87 -26.44
N VAL A 16 0.65 -6.48 -26.80
CA VAL A 16 0.35 -6.01 -28.16
C VAL A 16 1.27 -4.87 -28.60
N LEU A 17 1.36 -3.83 -27.77
CA LEU A 17 2.17 -2.69 -28.14
C LEU A 17 3.64 -3.04 -28.39
N TYR A 18 4.26 -3.78 -27.49
CA TYR A 18 5.68 -4.06 -27.67
C TYR A 18 5.98 -5.17 -28.69
N LYS A 19 5.00 -6.04 -28.93
CA LYS A 19 5.08 -6.92 -30.09
C LYS A 19 5.16 -6.08 -31.35
N LEU A 20 4.24 -5.12 -31.48
CA LEU A 20 4.26 -4.19 -32.61
C LEU A 20 5.54 -3.33 -32.74
N LYS A 21 6.02 -2.80 -31.62
CA LYS A 21 7.20 -1.95 -31.66
C LYS A 21 8.51 -2.72 -31.78
N LEU A 22 8.67 -3.76 -30.98
CA LEU A 22 9.92 -4.55 -30.94
C LEU A 22 9.94 -5.88 -31.69
N GLY A 23 8.82 -6.28 -32.27
CA GLY A 23 8.71 -7.64 -32.79
C GLY A 23 9.03 -8.67 -31.72
N GLU A 24 8.95 -8.25 -30.47
CA GLU A 24 9.32 -9.09 -29.35
C GLU A 24 8.15 -9.30 -28.38
N VAL A 25 8.14 -10.43 -27.70
CA VAL A 25 7.11 -10.70 -26.70
C VAL A 25 7.75 -10.48 -25.34
N ILE A 26 7.40 -9.37 -24.68
CA ILE A 26 8.15 -9.00 -23.48
C ILE A 26 7.51 -9.57 -22.24
N THR A 27 8.16 -9.43 -21.09
CA THR A 27 7.54 -9.95 -19.88
C THR A 27 6.93 -8.75 -19.18
N THR A 28 5.62 -8.63 -19.22
CA THR A 28 4.97 -7.40 -18.77
C THR A 28 4.88 -7.36 -17.26
N ILE A 29 4.77 -6.13 -16.74
CA ILE A 29 4.20 -5.91 -15.40
C ILE A 29 2.88 -5.16 -15.60
N PRO A 30 1.98 -5.27 -14.63
CA PRO A 30 0.76 -4.44 -14.74
C PRO A 30 1.16 -2.98 -14.95
N THR A 31 0.44 -2.31 -15.84
CA THR A 31 0.84 -0.94 -16.18
C THR A 31 0.13 0.07 -15.30
N ILE A 32 0.86 0.71 -14.37
CA ILE A 32 0.19 1.66 -13.48
C ILE A 32 0.52 2.98 -14.08
N GLY A 33 -0.32 3.44 -15.01
CA GLY A 33 0.15 4.48 -15.89
C GLY A 33 -0.25 4.25 -17.33
N PHE A 34 0.61 4.76 -18.21
CA PHE A 34 0.57 4.45 -19.62
C PHE A 34 1.96 4.04 -20.16
N ASN A 35 1.95 3.45 -21.34
CA ASN A 35 3.11 3.38 -22.22
C ASN A 35 2.73 4.13 -23.48
N VAL A 36 3.63 4.94 -24.01
CA VAL A 36 3.29 5.56 -25.28
C VAL A 36 4.42 5.29 -26.25
N GLU A 37 4.05 4.85 -27.45
CA GLU A 37 5.09 4.47 -28.41
C GLU A 37 4.66 4.83 -29.82
N THR A 38 5.63 4.94 -30.72
CA THR A 38 5.29 5.21 -32.11
C THR A 38 5.67 4.00 -32.93
N VAL A 39 4.76 3.59 -33.81
CA VAL A 39 4.93 2.41 -34.62
C VAL A 39 4.75 2.74 -36.10
N GLN A 40 5.64 2.26 -36.96
CA GLN A 40 5.48 2.49 -38.38
C GLN A 40 4.81 1.31 -39.07
N TYR A 41 3.71 1.59 -39.77
CA TYR A 41 3.10 0.59 -40.62
C TYR A 41 2.69 1.24 -41.91
N LYS A 42 3.27 0.77 -43.02
CA LYS A 42 2.90 1.18 -44.37
C LYS A 42 2.77 2.71 -44.55
N ASN A 43 3.78 3.46 -44.12
CA ASN A 43 3.77 4.92 -44.34
C ASN A 43 2.94 5.71 -43.31
N ILE A 44 2.26 5.00 -42.40
CA ILE A 44 1.60 5.66 -41.27
C ILE A 44 2.46 5.53 -40.00
N SER A 45 2.61 6.63 -39.25
CA SER A 45 3.18 6.52 -37.92
C SER A 45 2.11 6.61 -36.82
N PHE A 46 1.76 5.47 -36.24
CA PHE A 46 0.73 5.39 -35.21
C PHE A 46 1.34 5.72 -33.86
N THR A 47 0.80 6.73 -33.19
CA THR A 47 1.20 6.97 -31.83
C THR A 47 0.18 6.31 -30.91
N VAL A 48 0.63 5.23 -30.28
CA VAL A 48 -0.23 4.41 -29.45
C VAL A 48 -0.03 4.67 -27.96
N TRP A 49 -1.14 5.05 -27.33
CA TRP A 49 -1.20 5.25 -25.91
C TRP A 49 -1.85 4.03 -25.27
N ASP A 50 -1.03 3.20 -24.63
CA ASP A 50 -1.49 2.00 -23.94
C ASP A 50 -1.75 2.38 -22.49
N VAL A 51 -3.01 2.44 -22.09
CA VAL A 51 -3.26 2.96 -20.75
C VAL A 51 -3.76 1.86 -19.84
N GLY A 52 -3.08 1.67 -18.71
CA GLY A 52 -3.35 0.56 -17.84
C GLY A 52 -4.81 0.36 -17.48
N GLY A 53 -5.20 -0.91 -17.37
CA GLY A 53 -6.59 -1.25 -17.16
C GLY A 53 -7.06 -1.54 -15.75
N GLN A 54 -6.18 -1.55 -14.76
CA GLN A 54 -6.65 -1.75 -13.40
C GLN A 54 -7.41 -0.51 -12.93
N ASP A 55 -8.26 -0.69 -11.91
CA ASP A 55 -9.32 0.25 -11.54
C ASP A 55 -8.85 1.70 -11.38
N ARG A 56 -7.83 1.91 -10.56
CA ARG A 56 -7.32 3.26 -10.34
C ARG A 56 -7.02 3.98 -11.64
N ILE A 57 -6.34 3.28 -12.54
CA ILE A 57 -5.96 3.83 -13.84
C ILE A 57 -7.16 3.98 -14.79
N ARG A 58 -8.04 2.99 -14.75
CA ARG A 58 -9.26 3.01 -15.53
C ARG A 58 -9.97 4.34 -15.33
N SER A 59 -10.07 4.76 -14.07
CA SER A 59 -10.60 6.08 -13.74
C SER A 59 -9.89 7.24 -14.44
N LEU A 60 -8.68 7.01 -14.97
CA LEU A 60 -7.94 8.11 -15.61
C LEU A 60 -7.96 8.20 -17.16
N TRP A 61 -8.57 7.23 -17.83
CA TRP A 61 -8.48 7.18 -19.30
C TRP A 61 -8.99 8.47 -19.94
N ARG A 62 -9.99 9.10 -19.32
CA ARG A 62 -10.69 10.23 -19.93
C ARG A 62 -9.73 11.38 -20.31
N HIS A 63 -8.57 11.44 -19.65
CA HIS A 63 -7.56 12.43 -20.00
C HIS A 63 -6.86 12.10 -21.28
N TYR A 64 -6.97 10.87 -21.74
CA TYR A 64 -6.34 10.52 -22.99
C TYR A 64 -7.29 10.49 -24.18
N TYR A 65 -8.57 10.72 -23.90
CA TYR A 65 -9.61 10.72 -24.94
C TYR A 65 -9.37 11.78 -26.02
N ARG A 66 -9.10 13.01 -25.60
CA ARG A 66 -9.06 14.12 -26.52
C ARG A 66 -7.98 13.92 -27.58
N ASN A 67 -8.34 14.19 -28.84
CA ASN A 67 -7.40 14.14 -29.97
C ASN A 67 -7.21 12.75 -30.58
N THR A 68 -7.92 11.78 -30.01
CA THR A 68 -7.86 10.39 -30.41
C THR A 68 -8.59 10.22 -31.73
N GLU A 69 -7.86 9.74 -32.73
CA GLU A 69 -8.40 9.37 -34.02
C GLU A 69 -8.97 7.94 -34.08
N GLY A 70 -8.37 7.05 -33.28
CA GLY A 70 -8.82 5.68 -33.22
C GLY A 70 -8.54 5.03 -31.89
N VAL A 71 -9.42 4.07 -31.55
CA VAL A 71 -9.48 3.44 -30.25
C VAL A 71 -9.28 1.93 -30.45
N ILE A 72 -8.24 1.36 -29.84
CA ILE A 72 -8.12 -0.09 -29.80
C ILE A 72 -8.59 -0.58 -28.46
N PHE A 73 -9.63 -1.41 -28.47
CA PHE A 73 -10.17 -1.97 -27.24
C PHE A 73 -9.85 -3.44 -27.17
N VAL A 74 -8.95 -3.77 -26.26
CA VAL A 74 -8.45 -5.13 -26.15
C VAL A 74 -9.29 -5.91 -25.14
N VAL A 75 -9.64 -7.14 -25.51
CA VAL A 75 -10.47 -7.98 -24.68
C VAL A 75 -9.77 -9.31 -24.47
N ASP A 76 -9.79 -9.85 -23.27
CA ASP A 76 -9.24 -11.19 -23.09
C ASP A 76 -10.40 -12.16 -23.39
N SER A 77 -10.25 -12.88 -24.51
CA SER A 77 -11.30 -13.76 -25.05
C SER A 77 -11.52 -14.99 -24.19
N ASN A 78 -10.56 -15.25 -23.30
CA ASN A 78 -10.63 -16.41 -22.45
C ASN A 78 -11.33 -16.14 -21.11
N ASP A 79 -11.62 -14.87 -20.82
CA ASP A 79 -12.17 -14.50 -19.51
C ASP A 79 -13.65 -14.15 -19.64
N ARG A 80 -14.51 -15.08 -19.26
CA ARG A 80 -15.94 -14.93 -19.52
C ARG A 80 -16.65 -14.18 -18.41
N SER A 81 -16.01 -14.13 -17.25
CA SER A 81 -16.60 -13.49 -16.11
C SER A 81 -16.52 -11.99 -16.30
N ARG A 82 -15.47 -11.53 -16.94
CA ARG A 82 -15.30 -10.09 -17.04
C ARG A 82 -15.82 -9.46 -18.34
N ILE A 83 -16.45 -10.27 -19.20
CA ILE A 83 -16.90 -9.76 -20.50
C ILE A 83 -18.01 -8.72 -20.38
N GLY A 84 -18.92 -8.93 -19.43
CA GLY A 84 -19.96 -7.95 -19.14
C GLY A 84 -19.38 -6.63 -18.68
N GLU A 85 -18.31 -6.71 -17.90
CA GLU A 85 -17.67 -5.53 -17.33
C GLU A 85 -17.00 -4.76 -18.44
N ALA A 86 -16.40 -5.50 -19.36
CA ALA A 86 -15.80 -4.92 -20.53
C ALA A 86 -16.91 -4.19 -21.31
N ARG A 87 -18.02 -4.91 -21.57
CA ARG A 87 -19.16 -4.30 -22.25
C ARG A 87 -19.59 -2.97 -21.60
N GLU A 88 -19.64 -2.94 -20.28
CA GLU A 88 -20.07 -1.75 -19.54
C GLU A 88 -19.08 -0.59 -19.72
N VAL A 89 -17.78 -0.89 -19.56
CA VAL A 89 -16.76 0.13 -19.78
C VAL A 89 -16.82 0.70 -21.20
N MET A 90 -17.01 -0.18 -22.16
CA MET A 90 -16.88 0.24 -23.54
C MET A 90 -18.09 1.04 -23.95
N GLN A 91 -19.28 0.59 -23.54
CA GLN A 91 -20.50 1.36 -23.83
C GLN A 91 -20.63 2.84 -23.46
N ARG A 92 -20.12 3.18 -22.28
CA ARG A 92 -20.09 4.55 -21.82
C ARG A 92 -18.89 5.28 -22.42
N MET A 93 -17.90 4.53 -22.88
CA MET A 93 -16.77 5.10 -23.59
C MET A 93 -17.29 5.61 -24.93
N LEU A 94 -18.14 4.80 -25.55
CA LEU A 94 -18.85 5.17 -26.77
C LEU A 94 -19.70 6.44 -26.60
N ASN A 95 -20.10 6.74 -25.37
CA ASN A 95 -20.87 7.97 -25.14
C ASN A 95 -20.04 9.23 -24.94
N GLU A 96 -18.72 9.09 -24.95
CA GLU A 96 -17.83 10.21 -24.66
C GLU A 96 -17.69 11.16 -25.83
N ASP A 97 -17.94 12.44 -25.59
CA ASP A 97 -17.91 13.40 -26.70
C ASP A 97 -16.53 13.56 -27.37
N GLU A 98 -15.44 13.31 -26.64
CA GLU A 98 -14.13 13.49 -27.25
C GLU A 98 -13.80 12.29 -28.12
N LEU A 99 -14.48 11.18 -27.85
CA LEU A 99 -14.32 9.94 -28.62
C LEU A 99 -15.35 9.80 -29.76
N ARG A 100 -16.12 10.87 -29.97
CA ARG A 100 -17.30 10.87 -30.84
C ARG A 100 -17.09 10.32 -32.27
N ASN A 101 -16.07 10.80 -32.95
CA ASN A 101 -15.82 10.27 -34.30
C ASN A 101 -14.67 9.25 -34.47
N ALA A 102 -14.01 8.90 -33.37
CA ALA A 102 -12.87 7.97 -33.40
C ALA A 102 -13.24 6.57 -33.91
N ALA A 103 -12.37 6.02 -34.76
CA ALA A 103 -12.53 4.66 -35.29
C ALA A 103 -12.40 3.65 -34.16
N TRP A 104 -13.30 2.66 -34.15
CA TRP A 104 -13.40 1.72 -33.04
C TRP A 104 -12.95 0.34 -33.46
N LEU A 105 -11.80 -0.07 -32.96
CA LEU A 105 -11.27 -1.39 -33.29
C LEU A 105 -11.18 -2.25 -32.05
N VAL A 106 -12.01 -3.30 -32.01
CA VAL A 106 -11.89 -4.31 -30.97
C VAL A 106 -10.93 -5.44 -31.34
N PHE A 107 -10.03 -5.73 -30.42
CA PHE A 107 -9.18 -6.90 -30.52
C PHE A 107 -9.72 -7.93 -29.57
N ALA A 108 -10.24 -9.04 -30.10
CA ALA A 108 -10.53 -10.20 -29.26
C ALA A 108 -9.23 -11.01 -29.19
N ASN A 109 -8.63 -11.07 -28.01
CA ASN A 109 -7.23 -11.41 -27.90
C ASN A 109 -7.09 -12.75 -27.18
N LYS A 110 -5.86 -13.23 -27.04
CA LYS A 110 -5.57 -14.58 -26.50
C LYS A 110 -6.41 -15.62 -27.22
N GLN A 111 -6.62 -15.39 -28.50
CA GLN A 111 -7.39 -16.29 -29.35
C GLN A 111 -6.69 -17.66 -29.39
N ASP A 112 -5.44 -17.66 -28.95
CA ASP A 112 -4.62 -18.88 -28.92
C ASP A 112 -5.04 -19.90 -27.87
N LEU A 113 -5.83 -19.45 -26.89
CA LEU A 113 -6.24 -20.32 -25.79
C LEU A 113 -7.45 -21.14 -26.22
N PRO A 114 -7.46 -22.43 -25.82
CA PRO A 114 -8.41 -23.44 -26.29
C PRO A 114 -9.86 -22.99 -26.15
N GLU A 115 -10.23 -22.47 -24.98
CA GLU A 115 -11.60 -22.03 -24.76
C GLU A 115 -11.89 -20.56 -25.05
N ALA A 116 -10.97 -19.86 -25.71
CA ALA A 116 -11.22 -18.46 -26.06
C ALA A 116 -12.60 -18.32 -26.74
N MET A 117 -13.39 -17.34 -26.31
CA MET A 117 -14.59 -17.04 -27.06
C MET A 117 -14.20 -16.61 -28.47
N SER A 118 -15.06 -16.90 -29.45
CA SER A 118 -14.81 -16.46 -30.82
C SER A 118 -15.04 -14.95 -30.93
N ALA A 119 -14.47 -14.34 -31.96
CA ALA A 119 -14.78 -12.95 -32.26
C ALA A 119 -16.29 -12.67 -32.46
N ALA A 120 -17.03 -13.63 -33.02
CA ALA A 120 -18.45 -13.42 -33.25
C ALA A 120 -19.19 -13.36 -31.92
N GLU A 121 -18.88 -14.33 -31.06
CA GLU A 121 -19.40 -14.39 -29.69
C GLU A 121 -19.13 -13.07 -28.94
N ILE A 122 -17.88 -12.63 -28.98
CA ILE A 122 -17.48 -11.37 -28.38
C ILE A 122 -18.25 -10.18 -28.96
N THR A 123 -18.50 -10.22 -30.27
CA THR A 123 -19.21 -9.14 -30.93
C THR A 123 -20.62 -9.06 -30.37
N GLU A 124 -21.20 -10.22 -30.07
CA GLU A 124 -22.56 -10.22 -29.54
C GLU A 124 -22.58 -9.71 -28.10
N LYS A 125 -21.64 -10.21 -27.32
CA LYS A 125 -21.54 -9.80 -25.92
C LYS A 125 -21.20 -8.29 -25.74
N LEU A 126 -20.32 -7.74 -26.57
CA LEU A 126 -19.96 -6.33 -26.42
C LEU A 126 -20.99 -5.36 -27.03
N GLY A 127 -21.97 -5.91 -27.73
CA GLY A 127 -22.96 -5.09 -28.41
C GLY A 127 -22.47 -4.28 -29.60
N LEU A 128 -21.47 -4.79 -30.33
CA LEU A 128 -20.82 -4.03 -31.40
C LEU A 128 -21.74 -3.70 -32.58
N HIS A 129 -22.65 -4.62 -32.90
CA HIS A 129 -23.62 -4.43 -33.99
C HIS A 129 -24.45 -3.15 -33.82
N SER A 130 -24.63 -2.71 -32.58
CA SER A 130 -25.49 -1.56 -32.32
C SER A 130 -24.78 -0.21 -32.48
N ILE A 131 -23.52 -0.19 -32.93
CA ILE A 131 -22.84 1.08 -33.21
C ILE A 131 -23.11 1.51 -34.66
N ARG A 132 -23.95 2.54 -34.82
CA ARG A 132 -24.24 3.09 -36.15
C ARG A 132 -23.61 4.46 -36.45
N ASN A 133 -22.96 5.06 -35.47
CA ASN A 133 -22.54 6.46 -35.53
C ASN A 133 -21.10 6.63 -36.00
N ARG A 134 -20.35 5.53 -36.06
CA ARG A 134 -18.94 5.59 -36.47
C ARG A 134 -18.42 4.23 -36.95
N PRO A 135 -17.18 4.19 -37.47
CA PRO A 135 -16.57 2.93 -37.93
C PRO A 135 -16.15 2.00 -36.80
N TRP A 136 -16.53 0.72 -36.91
CA TRP A 136 -16.06 -0.31 -36.00
C TRP A 136 -15.56 -1.57 -36.73
N PHE A 137 -14.73 -2.34 -36.07
CA PHE A 137 -14.29 -3.59 -36.66
C PHE A 137 -13.87 -4.47 -35.52
N ILE A 138 -14.12 -5.76 -35.63
CA ILE A 138 -13.56 -6.67 -34.66
C ILE A 138 -12.55 -7.60 -35.34
N GLN A 139 -11.47 -7.90 -34.63
CA GLN A 139 -10.38 -8.67 -35.18
C GLN A 139 -9.91 -9.67 -34.14
N ALA A 140 -9.86 -10.93 -34.52
CA ALA A 140 -9.29 -11.92 -33.64
C ALA A 140 -7.78 -11.70 -33.66
N THR A 141 -7.18 -11.70 -32.48
CA THR A 141 -5.75 -11.51 -32.39
C THR A 141 -5.09 -12.51 -31.44
N CYS A 142 -3.80 -12.70 -31.66
CA CYS A 142 -2.95 -13.29 -30.64
C CYS A 142 -1.72 -12.41 -30.58
N ALA A 143 -1.54 -11.73 -29.46
CA ALA A 143 -0.48 -10.75 -29.42
C ALA A 143 0.90 -11.41 -29.35
N THR A 144 0.94 -12.59 -28.74
CA THR A 144 2.21 -13.31 -28.66
C THR A 144 2.69 -13.81 -30.03
N SER A 145 1.80 -14.39 -30.84
CA SER A 145 2.20 -14.79 -32.18
C SER A 145 2.37 -13.56 -33.04
N GLY A 146 1.50 -12.57 -32.82
CA GLY A 146 1.39 -11.43 -33.72
C GLY A 146 0.17 -11.52 -34.63
N GLU A 147 -0.56 -12.63 -34.55
CA GLU A 147 -1.74 -12.82 -35.40
C GLU A 147 -2.86 -11.78 -35.25
N GLY A 148 -3.19 -11.13 -36.37
CA GLY A 148 -4.31 -10.20 -36.39
C GLY A 148 -3.89 -8.77 -36.10
N LEU A 149 -2.69 -8.60 -35.58
CA LEU A 149 -2.21 -7.29 -35.18
C LEU A 149 -2.14 -6.34 -36.37
N TYR A 150 -1.40 -6.73 -37.40
CA TYR A 150 -1.28 -5.86 -38.57
C TYR A 150 -2.58 -5.76 -39.38
N GLU A 151 -3.43 -6.78 -39.33
CA GLU A 151 -4.76 -6.68 -39.93
C GLU A 151 -5.52 -5.54 -39.24
N GLY A 152 -5.26 -5.38 -37.94
CA GLY A 152 -5.78 -4.27 -37.17
C GLY A 152 -5.21 -2.95 -37.63
N LEU A 153 -3.89 -2.86 -37.69
CA LEU A 153 -3.28 -1.60 -38.15
C LEU A 153 -3.77 -1.24 -39.54
N GLU A 154 -4.06 -2.25 -40.33
CA GLU A 154 -4.52 -2.05 -41.69
C GLU A 154 -5.90 -1.43 -41.66
N TRP A 155 -6.81 -2.07 -40.94
CA TRP A 155 -8.17 -1.57 -40.87
C TRP A 155 -8.20 -0.14 -40.37
N LEU A 156 -7.43 0.11 -39.32
CA LEU A 156 -7.34 1.41 -38.67
C LEU A 156 -6.92 2.48 -39.66
N SER A 157 -5.85 2.20 -40.41
CA SER A 157 -5.32 3.16 -41.37
C SER A 157 -6.33 3.52 -42.48
N ASN A 158 -7.36 2.70 -42.64
CA ASN A 158 -8.39 2.98 -43.64
C ASN A 158 -9.62 3.73 -43.11
N SER A 159 -9.55 4.14 -41.84
CA SER A 159 -10.51 5.08 -41.25
C SER A 159 -11.12 5.98 -42.34
N GLN B 20 9.18 36.76 -18.29
CA GLN B 20 9.70 37.47 -17.12
C GLN B 20 8.65 37.56 -16.04
N HIS B 21 7.81 38.58 -16.12
CA HIS B 21 6.72 38.80 -15.16
C HIS B 21 5.34 38.61 -15.80
N LEU B 22 4.63 37.57 -15.36
CA LEU B 22 3.48 37.03 -16.08
C LEU B 22 2.33 36.60 -15.17
N GLU B 23 1.23 36.17 -15.79
CA GLU B 23 0.00 35.82 -15.09
C GLU B 23 -0.20 34.33 -15.10
N LYS B 24 -0.85 33.80 -14.07
CA LYS B 24 -1.10 32.38 -13.94
C LYS B 24 -1.99 31.81 -15.05
N SER B 25 -3.13 32.47 -15.28
CA SER B 25 -4.13 31.99 -16.23
C SER B 25 -3.59 31.85 -17.64
N ALA B 26 -2.87 32.88 -18.09
CA ALA B 26 -2.22 32.82 -19.40
C ALA B 26 -1.41 31.54 -19.57
N VAL B 27 -0.50 31.29 -18.63
CA VAL B 27 0.42 30.16 -18.72
C VAL B 27 -0.30 28.80 -18.67
N LEU B 28 -1.23 28.69 -17.74
CA LEU B 28 -2.04 27.48 -17.71
C LEU B 28 -2.70 27.30 -19.06
N GLN B 29 -2.97 28.40 -19.74
CA GLN B 29 -3.60 28.33 -21.04
C GLN B 29 -2.65 27.74 -22.05
N GLU B 30 -1.54 28.42 -22.27
CA GLU B 30 -0.61 27.96 -23.30
C GLU B 30 -0.12 26.55 -23.01
N ALA B 31 -0.35 26.09 -21.79
CA ALA B 31 -0.04 24.70 -21.45
C ALA B 31 -0.94 23.74 -22.22
N ARG B 32 -2.00 24.29 -22.81
CA ARG B 32 -2.97 23.45 -23.50
C ARG B 32 -2.47 23.08 -24.89
N VAL B 33 -1.30 23.61 -25.25
CA VAL B 33 -0.65 23.20 -26.49
C VAL B 33 -0.01 21.80 -26.36
N PHE B 34 0.23 21.35 -25.14
CA PHE B 34 0.82 20.04 -24.90
C PHE B 34 -0.05 18.89 -25.49
N ASN B 35 -1.37 19.08 -25.48
CA ASN B 35 -2.31 18.12 -26.05
C ASN B 35 -2.21 17.95 -27.58
N GLU B 36 -1.39 18.76 -28.22
CA GLU B 36 -1.21 18.69 -29.67
C GLU B 36 -0.03 17.80 -30.03
N THR B 37 -0.23 16.95 -31.03
CA THR B 37 0.79 16.00 -31.45
C THR B 37 2.20 16.33 -31.91
N PRO B 38 2.32 17.29 -32.83
CA PRO B 38 3.61 17.66 -33.38
C PRO B 38 4.14 18.55 -32.26
N ILE B 39 4.87 17.95 -31.33
CA ILE B 39 5.34 18.67 -30.13
C ILE B 39 6.61 19.45 -30.36
N ASN B 40 6.61 20.71 -29.93
CA ASN B 40 7.81 21.55 -29.95
C ASN B 40 8.52 21.48 -28.60
N PRO B 41 9.63 20.72 -28.55
CA PRO B 41 10.32 20.48 -27.28
C PRO B 41 10.80 21.79 -26.66
N ARG B 42 11.43 22.63 -27.47
CA ARG B 42 11.96 23.87 -26.94
C ARG B 42 10.83 24.68 -26.31
N LYS B 43 9.77 24.89 -27.09
CA LYS B 43 8.68 25.75 -26.66
C LYS B 43 8.00 25.21 -25.43
N CYS B 44 7.62 23.94 -25.51
CA CYS B 44 6.94 23.27 -24.42
C CYS B 44 7.76 23.26 -23.13
N ALA B 45 9.06 23.05 -23.26
CA ALA B 45 9.95 23.10 -22.09
C ALA B 45 10.00 24.50 -21.51
N HIS B 46 9.96 25.50 -22.37
CA HIS B 46 9.89 26.87 -21.88
C HIS B 46 8.63 27.07 -21.03
N ILE B 47 7.48 26.69 -21.59
CA ILE B 47 6.22 26.74 -20.84
C ILE B 47 6.30 25.99 -19.48
N LEU B 48 6.99 24.85 -19.46
CA LEU B 48 7.11 24.11 -18.21
C LEU B 48 7.86 24.96 -17.23
N THR B 49 8.92 25.60 -17.72
CA THR B 49 9.72 26.50 -16.90
C THR B 49 8.84 27.64 -16.32
N LYS B 50 7.93 28.16 -17.14
CA LYS B 50 7.02 29.21 -16.66
C LYS B 50 6.18 28.67 -15.53
N ILE B 51 5.72 27.44 -15.67
CA ILE B 51 4.92 26.83 -14.61
C ILE B 51 5.71 26.66 -13.32
N LEU B 52 6.95 26.18 -13.44
CA LEU B 52 7.77 25.93 -12.27
C LEU B 52 7.97 27.23 -11.57
N TYR B 53 8.24 28.27 -12.35
CA TYR B 53 8.45 29.61 -11.80
C TYR B 53 7.23 30.14 -11.08
N LEU B 54 6.07 30.08 -11.72
CA LEU B 54 4.82 30.46 -11.06
C LEU B 54 4.73 29.79 -9.70
N ILE B 55 5.02 28.49 -9.66
CA ILE B 55 4.94 27.74 -8.42
C ILE B 55 6.00 28.16 -7.38
N ASN B 56 7.25 28.33 -7.83
CA ASN B 56 8.35 28.78 -6.95
C ASN B 56 8.06 30.15 -6.35
N GLN B 57 7.33 30.97 -7.11
CA GLN B 57 7.07 32.33 -6.71
C GLN B 57 6.08 32.36 -5.57
N GLY B 58 5.32 31.27 -5.44
CA GLY B 58 4.34 31.13 -4.37
C GLY B 58 2.90 31.20 -4.84
N GLU B 59 2.72 31.30 -6.16
CA GLU B 59 1.37 31.38 -6.73
C GLU B 59 0.56 30.12 -6.47
N HIS B 60 -0.65 30.31 -5.93
CA HIS B 60 -1.52 29.19 -5.60
C HIS B 60 -2.26 28.72 -6.84
N LEU B 61 -2.09 27.45 -7.19
CA LEU B 61 -2.90 26.83 -8.24
C LEU B 61 -3.96 25.96 -7.59
N GLY B 62 -5.16 25.99 -8.17
CA GLY B 62 -6.26 25.20 -7.66
C GLY B 62 -6.12 23.74 -8.04
N THR B 63 -6.81 22.88 -7.31
CA THR B 63 -6.77 21.45 -7.63
C THR B 63 -7.10 21.19 -9.09
N THR B 64 -8.21 21.75 -9.56
CA THR B 64 -8.65 21.49 -10.92
C THR B 64 -7.66 21.94 -12.02
N GLU B 65 -7.16 23.17 -11.91
CA GLU B 65 -6.26 23.70 -12.92
C GLU B 65 -4.89 23.03 -12.87
N ALA B 66 -4.49 22.69 -11.65
CA ALA B 66 -3.26 21.94 -11.45
C ALA B 66 -3.40 20.60 -12.14
N THR B 67 -4.49 19.91 -11.87
CA THR B 67 -4.68 18.58 -12.40
C THR B 67 -4.72 18.60 -13.93
N GLU B 68 -5.43 19.58 -14.50
CA GLU B 68 -5.42 19.73 -15.95
C GLU B 68 -4.00 19.93 -16.48
N ALA B 69 -3.21 20.79 -15.84
CA ALA B 69 -1.85 21.02 -16.34
C ALA B 69 -0.98 19.77 -16.20
N PHE B 70 -1.13 19.08 -15.07
CA PHE B 70 -0.41 17.84 -14.87
C PHE B 70 -0.70 16.89 -16.02
N PHE B 71 -1.99 16.66 -16.27
CA PHE B 71 -2.35 15.70 -17.30
C PHE B 71 -1.96 16.17 -18.71
N ALA B 72 -1.86 17.48 -18.94
CA ALA B 72 -1.25 17.96 -20.17
C ALA B 72 0.23 17.60 -20.23
N MET B 73 0.95 17.81 -19.14
CA MET B 73 2.38 17.54 -19.11
C MET B 73 2.68 16.08 -19.40
N THR B 74 1.82 15.18 -18.94
CA THR B 74 2.07 13.74 -19.17
C THR B 74 2.19 13.42 -20.65
N LYS B 75 1.41 14.12 -21.45
CA LYS B 75 1.37 13.89 -22.88
C LYS B 75 2.70 14.20 -23.56
N LEU B 76 3.53 14.98 -22.88
CA LEU B 76 4.86 15.33 -23.38
C LEU B 76 5.83 14.15 -23.32
N PHE B 77 5.38 13.06 -22.70
CA PHE B 77 6.22 11.89 -22.54
C PHE B 77 6.38 11.15 -23.88
N GLN B 78 5.62 11.58 -24.86
CA GLN B 78 5.78 11.09 -26.21
C GLN B 78 7.09 11.60 -26.83
N SER B 79 7.48 12.84 -26.50
CA SER B 79 8.72 13.45 -26.99
C SER B 79 9.97 12.86 -26.38
N ASN B 80 10.98 12.61 -27.20
CA ASN B 80 12.22 12.01 -26.72
C ASN B 80 13.26 13.06 -26.38
N ASP B 81 12.86 14.32 -26.39
CA ASP B 81 13.79 15.40 -26.08
C ASP B 81 14.22 15.37 -24.61
N PRO B 82 15.53 15.26 -24.36
CA PRO B 82 16.06 15.10 -23.00
C PRO B 82 15.70 16.23 -22.05
N THR B 83 15.82 17.47 -22.53
CA THR B 83 15.57 18.62 -21.69
C THR B 83 14.12 18.64 -21.26
N LEU B 84 13.24 18.32 -22.22
CA LEU B 84 11.83 18.19 -21.94
C LEU B 84 11.60 17.11 -20.88
N ARG B 85 12.30 16.00 -20.99
CA ARG B 85 12.10 14.92 -20.04
C ARG B 85 12.45 15.40 -18.64
N ARG B 86 13.64 15.97 -18.51
CA ARG B 86 14.10 16.51 -17.22
C ARG B 86 13.12 17.50 -16.62
N MET B 87 12.65 18.43 -17.46
CA MET B 87 11.64 19.40 -17.03
C MET B 87 10.36 18.70 -16.56
N CYS B 88 10.02 17.59 -17.22
CA CYS B 88 8.91 16.77 -16.79
C CYS B 88 9.11 16.18 -15.41
N TYR B 89 10.29 15.62 -15.14
CA TYR B 89 10.57 15.13 -13.79
C TYR B 89 10.36 16.23 -12.75
N LEU B 90 11.00 17.38 -12.97
CA LEU B 90 10.80 18.51 -12.08
C LEU B 90 9.32 18.83 -11.87
N THR B 91 8.60 19.09 -12.96
CA THR B 91 7.18 19.38 -12.91
C THR B 91 6.41 18.36 -12.08
N ILE B 92 6.71 17.09 -12.28
CA ILE B 92 6.07 16.02 -11.52
C ILE B 92 6.31 16.19 -10.02
N LYS B 93 7.56 16.43 -9.62
CA LYS B 93 7.83 16.60 -8.19
C LYS B 93 7.13 17.84 -7.61
N GLU B 94 7.14 18.93 -8.39
CA GLU B 94 6.53 20.18 -7.93
C GLU B 94 5.02 20.14 -7.87
N MET B 95 4.37 19.39 -8.74
CA MET B 95 2.91 19.33 -8.72
C MET B 95 2.39 18.12 -7.99
N SER B 96 3.31 17.29 -7.52
CA SER B 96 2.95 16.06 -6.83
C SER B 96 1.92 16.31 -5.72
N CYS B 97 2.05 17.42 -5.01
CA CYS B 97 1.11 17.63 -3.92
C CYS B 97 -0.10 18.50 -4.24
N ILE B 98 -0.07 19.19 -5.38
CA ILE B 98 -1.18 20.06 -5.73
C ILE B 98 -2.12 19.50 -6.79
N ALA B 99 -1.77 18.38 -7.37
CA ALA B 99 -2.60 17.86 -8.45
C ALA B 99 -3.08 16.46 -8.10
N GLU B 100 -4.26 16.12 -8.62
CA GLU B 100 -4.87 14.84 -8.32
C GLU B 100 -4.39 13.77 -9.28
N ASP B 101 -4.25 12.55 -8.76
CA ASP B 101 -4.03 11.37 -9.59
C ASP B 101 -2.67 11.35 -10.29
N VAL B 102 -1.65 11.85 -9.59
CA VAL B 102 -0.29 11.88 -10.11
C VAL B 102 0.31 10.46 -10.36
N ILE B 103 -0.34 9.46 -9.77
CA ILE B 103 -0.03 8.04 -9.96
C ILE B 103 0.08 7.64 -11.45
N ILE B 104 -0.59 8.39 -12.31
CA ILE B 104 -0.49 8.16 -13.75
C ILE B 104 0.97 8.09 -14.26
N VAL B 105 1.92 8.76 -13.62
CA VAL B 105 3.28 8.69 -14.15
C VAL B 105 4.11 7.48 -13.69
N THR B 106 3.59 6.68 -12.76
CA THR B 106 4.34 5.60 -12.14
C THR B 106 5.07 4.69 -13.15
N SER B 107 4.35 4.26 -14.17
CA SER B 107 4.90 3.38 -15.18
C SER B 107 6.03 4.04 -15.96
N SER B 108 5.80 5.26 -16.42
CA SER B 108 6.80 5.98 -17.20
C SER B 108 8.11 6.13 -16.43
N LEU B 109 8.00 6.37 -15.12
CA LEU B 109 9.17 6.61 -14.29
C LEU B 109 9.89 5.31 -13.95
N THR B 110 9.13 4.24 -13.68
CA THR B 110 9.77 2.95 -13.43
C THR B 110 10.52 2.55 -14.69
N LYS B 111 9.93 2.86 -15.83
CA LYS B 111 10.57 2.59 -17.10
C LYS B 111 11.88 3.35 -17.18
N ASP B 112 11.80 4.67 -17.05
CA ASP B 112 12.96 5.53 -17.23
C ASP B 112 14.08 5.21 -16.24
N MET B 113 13.66 4.90 -15.01
CA MET B 113 14.58 4.57 -13.93
C MET B 113 15.29 3.26 -14.19
N THR B 114 14.59 2.30 -14.80
CA THR B 114 15.21 1.03 -15.13
C THR B 114 15.91 1.09 -16.49
N GLY B 115 15.73 2.20 -17.20
CA GLY B 115 16.19 2.32 -18.58
C GLY B 115 17.69 2.36 -18.79
N LYS B 116 18.10 2.56 -20.05
CA LYS B 116 19.51 2.48 -20.43
C LYS B 116 20.32 3.72 -20.09
N GLU B 117 19.65 4.87 -20.00
CA GLU B 117 20.36 6.15 -19.96
C GLU B 117 20.48 6.78 -18.58
N ASP B 118 21.70 6.77 -18.05
CA ASP B 118 21.94 7.14 -16.65
C ASP B 118 21.57 8.59 -16.29
N SER B 119 21.72 9.51 -17.25
CA SER B 119 21.30 10.88 -17.04
C SER B 119 19.86 10.98 -16.51
N TYR B 120 19.01 10.05 -16.93
CA TYR B 120 17.60 10.07 -16.53
C TYR B 120 17.29 9.25 -15.29
N ARG B 121 18.22 8.36 -14.92
CA ARG B 121 17.88 7.35 -13.94
C ARG B 121 17.70 7.89 -12.51
N GLY B 122 18.70 8.60 -11.98
CA GLY B 122 18.61 9.17 -10.65
C GLY B 122 17.39 10.08 -10.50
N PRO B 123 17.27 11.09 -11.38
CA PRO B 123 16.12 12.00 -11.39
C PRO B 123 14.78 11.28 -11.40
N ALA B 124 14.68 10.22 -12.21
CA ALA B 124 13.44 9.44 -12.29
C ALA B 124 13.06 8.79 -10.96
N VAL B 125 14.02 8.12 -10.32
CA VAL B 125 13.82 7.59 -8.98
C VAL B 125 13.24 8.65 -8.01
N ARG B 126 13.91 9.80 -7.95
CA ARG B 126 13.46 10.90 -7.12
C ARG B 126 12.00 11.27 -7.40
N ALA B 127 11.68 11.55 -8.66
CA ALA B 127 10.31 11.87 -9.02
C ALA B 127 9.32 10.72 -8.69
N LEU B 128 9.69 9.49 -9.07
CA LEU B 128 8.84 8.35 -8.78
C LEU B 128 8.47 8.30 -7.31
N CYS B 129 9.48 8.40 -6.45
CA CYS B 129 9.25 8.26 -5.01
C CYS B 129 8.43 9.40 -4.45
N GLN B 130 8.45 10.52 -5.17
CA GLN B 130 7.69 11.70 -4.77
C GLN B 130 6.18 11.50 -4.98
N ILE B 131 5.83 10.82 -6.07
CA ILE B 131 4.45 10.59 -6.39
C ILE B 131 3.96 9.23 -5.89
N THR B 132 4.83 8.48 -5.21
CA THR B 132 4.44 7.16 -4.74
C THR B 132 4.00 7.21 -3.28
N ASP B 133 2.87 6.56 -2.99
CA ASP B 133 2.33 6.51 -1.63
C ASP B 133 2.38 5.10 -1.02
N SER B 134 2.38 5.05 0.32
CA SER B 134 2.66 3.82 1.08
C SER B 134 1.83 2.62 0.60
N THR B 135 0.63 2.88 0.09
CA THR B 135 -0.18 1.84 -0.55
C THR B 135 0.49 1.22 -1.80
N MET B 136 1.06 2.07 -2.66
CA MET B 136 1.65 1.61 -3.92
C MET B 136 3.11 1.25 -3.80
N LEU B 137 3.67 1.33 -2.59
CA LEU B 137 5.10 1.18 -2.46
C LEU B 137 5.56 -0.20 -2.93
N GLN B 138 4.76 -1.22 -2.61
CA GLN B 138 5.06 -2.62 -2.89
C GLN B 138 5.37 -2.89 -4.38
N ALA B 139 4.61 -2.25 -5.26
CA ALA B 139 4.80 -2.36 -6.69
C ALA B 139 6.20 -1.99 -7.16
N ILE B 140 6.82 -0.98 -6.53
CA ILE B 140 8.17 -0.54 -6.95
C ILE B 140 9.38 -1.01 -6.13
N GLU B 141 9.13 -1.71 -5.02
CA GLU B 141 10.20 -2.15 -4.11
C GLU B 141 11.40 -2.82 -4.78
N ARG B 142 11.12 -3.72 -5.72
CA ARG B 142 12.15 -4.46 -6.43
C ARG B 142 13.10 -3.51 -7.16
N TYR B 143 12.51 -2.57 -7.89
CA TYR B 143 13.31 -1.58 -8.61
C TYR B 143 14.09 -0.65 -7.67
N MET B 144 13.51 -0.36 -6.51
CA MET B 144 14.18 0.47 -5.51
C MET B 144 15.44 -0.22 -5.01
N LYS B 145 15.28 -1.46 -4.52
CA LYS B 145 16.42 -2.30 -4.13
C LYS B 145 17.46 -2.37 -5.25
N GLN B 146 17.00 -2.40 -6.50
CA GLN B 146 17.97 -2.52 -7.56
C GLN B 146 18.76 -1.21 -7.66
N ALA B 147 18.07 -0.07 -7.62
CA ALA B 147 18.72 1.24 -7.77
C ALA B 147 19.67 1.59 -6.62
N ILE B 148 19.33 1.11 -5.42
CA ILE B 148 20.21 1.32 -4.28
C ILE B 148 21.59 0.71 -4.46
N VAL B 149 21.68 -0.41 -5.14
CA VAL B 149 22.97 -1.07 -5.29
C VAL B 149 23.64 -0.77 -6.63
N ASP B 150 23.05 0.13 -7.41
CA ASP B 150 23.63 0.44 -8.72
C ASP B 150 25.07 0.97 -8.63
N LYS B 151 25.87 0.79 -9.67
CA LYS B 151 27.26 1.25 -9.62
C LYS B 151 27.38 2.73 -9.91
N VAL B 152 26.36 3.29 -10.55
CA VAL B 152 26.31 4.72 -10.84
C VAL B 152 25.88 5.49 -9.60
N PRO B 153 26.80 6.27 -9.02
CA PRO B 153 26.47 6.99 -7.77
C PRO B 153 25.22 7.87 -7.91
N SER B 154 25.03 8.53 -9.04
CA SER B 154 23.81 9.33 -9.21
C SER B 154 22.57 8.50 -8.79
N VAL B 155 22.36 7.37 -9.48
CA VAL B 155 21.28 6.44 -9.21
C VAL B 155 21.23 5.96 -7.76
N SER B 156 22.37 5.53 -7.26
CA SER B 156 22.44 4.90 -5.94
C SER B 156 22.03 5.89 -4.86
N SER B 157 22.62 7.07 -4.95
CA SER B 157 22.36 8.18 -4.02
C SER B 157 20.91 8.62 -4.09
N SER B 158 20.42 8.89 -5.30
CA SER B 158 19.01 9.20 -5.52
C SER B 158 18.07 8.19 -4.84
N ALA B 159 18.34 6.88 -5.02
CA ALA B 159 17.50 5.84 -4.42
C ALA B 159 17.59 5.81 -2.89
N LEU B 160 18.77 6.07 -2.37
CA LEU B 160 18.94 6.12 -0.92
C LEU B 160 18.19 7.28 -0.26
N VAL B 161 18.42 8.48 -0.76
CA VAL B 161 17.69 9.63 -0.23
C VAL B 161 16.17 9.44 -0.43
N SER B 162 15.79 8.97 -1.61
CA SER B 162 14.39 8.60 -1.85
C SER B 162 13.83 7.76 -0.73
N SER B 163 14.53 6.66 -0.40
CA SER B 163 14.11 5.74 0.67
C SER B 163 14.00 6.43 2.03
N LEU B 164 14.99 7.28 2.32
CA LEU B 164 14.92 8.09 3.52
C LEU B 164 13.58 8.81 3.62
N HIS B 165 13.23 9.54 2.55
CA HIS B 165 11.97 10.26 2.54
C HIS B 165 10.82 9.28 2.76
N LEU B 166 10.88 8.13 2.08
CA LEU B 166 9.79 7.16 2.19
C LEU B 166 9.67 6.54 3.60
N LEU B 167 10.69 6.74 4.45
CA LEU B 167 10.64 6.21 5.81
C LEU B 167 9.48 6.78 6.63
N LYS B 168 8.89 7.87 6.14
CA LYS B 168 7.86 8.54 6.91
C LYS B 168 6.59 7.76 6.70
N CYS B 169 6.04 7.86 5.50
CA CYS B 169 4.81 7.17 5.15
C CYS B 169 4.90 5.68 5.46
N SER B 170 5.89 4.97 4.93
CA SER B 170 6.00 3.54 5.21
C SER B 170 7.35 2.97 5.68
N PHE B 171 7.43 2.74 6.98
CA PHE B 171 8.67 2.33 7.64
C PHE B 171 8.95 0.85 7.47
N ASP B 172 7.91 0.03 7.62
CA ASP B 172 8.04 -1.41 7.59
C ASP B 172 8.51 -1.96 6.25
N VAL B 173 8.20 -1.27 5.17
CA VAL B 173 8.66 -1.67 3.85
C VAL B 173 10.13 -1.32 3.65
N VAL B 174 10.54 -0.16 4.18
CA VAL B 174 11.89 0.34 3.92
C VAL B 174 12.94 -0.31 4.80
N LYS B 175 12.59 -0.59 6.06
CA LYS B 175 13.51 -1.30 6.96
C LYS B 175 14.03 -2.58 6.27
N ARG B 176 13.13 -3.26 5.56
CA ARG B 176 13.52 -4.42 4.77
C ARG B 176 14.70 -4.14 3.82
N TRP B 177 14.98 -2.88 3.49
CA TRP B 177 16.03 -2.62 2.51
C TRP B 177 17.44 -2.44 3.10
N VAL B 178 17.59 -2.68 4.41
CA VAL B 178 18.90 -2.50 5.05
C VAL B 178 20.03 -3.25 4.33
N ASN B 179 19.72 -4.34 3.63
CA ASN B 179 20.81 -5.09 3.00
C ASN B 179 21.45 -4.37 1.82
N GLU B 180 20.63 -3.96 0.85
CA GLU B 180 21.11 -3.17 -0.27
C GLU B 180 21.79 -1.90 0.23
N ALA B 181 21.21 -1.29 1.26
CA ALA B 181 21.82 -0.13 1.88
C ALA B 181 23.25 -0.44 2.34
N GLN B 182 23.40 -1.43 3.21
CA GLN B 182 24.71 -1.83 3.70
C GLN B 182 25.69 -2.06 2.57
N GLU B 183 25.26 -2.80 1.55
CA GLU B 183 26.10 -3.00 0.38
C GLU B 183 26.60 -1.63 -0.13
N ALA B 184 25.68 -0.68 -0.26
CA ALA B 184 26.05 0.66 -0.73
C ALA B 184 27.00 1.44 0.21
N ALA B 185 26.92 1.18 1.51
CA ALA B 185 27.74 1.90 2.48
C ALA B 185 29.25 1.61 2.36
N SER B 186 29.62 0.68 1.50
CA SER B 186 31.04 0.40 1.24
C SER B 186 31.56 1.26 0.10
N SER B 187 30.67 2.07 -0.50
CA SER B 187 31.02 2.80 -1.72
C SER B 187 32.20 3.73 -1.51
N ASP B 188 33.00 3.88 -2.55
CA ASP B 188 34.11 4.83 -2.53
C ASP B 188 33.57 6.22 -2.71
N ASN B 189 32.45 6.29 -3.40
CA ASN B 189 31.77 7.56 -3.63
C ASN B 189 31.33 8.15 -2.29
N ILE B 190 31.69 9.41 -2.05
CA ILE B 190 31.54 9.99 -0.72
C ILE B 190 30.10 10.37 -0.40
N MET B 191 29.39 10.84 -1.42
CA MET B 191 27.96 11.06 -1.31
C MET B 191 27.24 9.74 -1.01
N VAL B 192 27.47 8.73 -1.85
CA VAL B 192 26.79 7.43 -1.70
C VAL B 192 27.00 6.85 -0.33
N GLN B 193 28.24 6.84 0.11
CA GLN B 193 28.54 6.38 1.45
C GLN B 193 27.75 7.18 2.48
N TYR B 194 27.70 8.49 2.27
CA TYR B 194 27.04 9.40 3.19
C TYR B 194 25.56 9.03 3.34
N HIS B 195 24.86 9.00 2.21
CA HIS B 195 23.45 8.65 2.16
C HIS B 195 23.21 7.26 2.71
N ALA B 196 24.09 6.34 2.36
CA ALA B 196 23.98 4.95 2.77
C ALA B 196 23.99 4.79 4.30
N LEU B 197 25.04 5.28 4.93
CA LEU B 197 25.13 5.22 6.37
C LEU B 197 24.02 6.04 7.01
N GLY B 198 23.66 7.15 6.37
CA GLY B 198 22.59 8.00 6.84
C GLY B 198 21.27 7.25 6.95
N LEU B 199 20.88 6.65 5.83
CA LEU B 199 19.69 5.80 5.74
C LEU B 199 19.72 4.69 6.79
N LEU B 200 20.85 3.98 6.86
CA LEU B 200 21.00 2.93 7.86
C LEU B 200 20.69 3.45 9.27
N TYR B 201 21.37 4.52 9.69
CA TYR B 201 21.02 5.13 10.97
C TYR B 201 19.53 5.46 11.10
N HIS B 202 18.96 6.11 10.09
CA HIS B 202 17.56 6.53 10.19
C HIS B 202 16.61 5.36 10.44
N VAL B 203 16.96 4.20 9.91
CA VAL B 203 16.21 2.97 10.20
C VAL B 203 16.51 2.41 11.59
N ARG B 204 17.81 2.26 11.86
CA ARG B 204 18.32 1.64 13.09
C ARG B 204 18.24 2.53 14.32
N LYS B 205 18.11 3.84 14.12
CA LYS B 205 17.92 4.74 15.24
C LYS B 205 16.77 4.21 16.08
N ASN B 206 16.92 4.28 17.39
CA ASN B 206 15.91 3.72 18.30
C ASN B 206 15.90 2.26 18.72
N ASP B 207 16.59 1.42 17.95
CA ASP B 207 17.12 0.13 18.35
C ASP B 207 18.58 0.31 18.75
N ARG B 208 18.80 0.55 20.03
CA ARG B 208 20.13 0.94 20.53
C ARG B 208 21.25 -0.04 20.12
N LEU B 209 20.95 -1.33 20.23
CA LEU B 209 21.92 -2.37 19.92
C LEU B 209 22.49 -2.24 18.52
N ALA B 210 21.60 -2.14 17.52
CA ALA B 210 22.00 -2.09 16.11
C ALA B 210 22.82 -0.84 15.81
N VAL B 211 22.56 0.23 16.56
CA VAL B 211 23.35 1.46 16.46
C VAL B 211 24.76 1.25 16.95
N SER B 212 24.88 0.69 18.16
CA SER B 212 26.20 0.36 18.71
C SER B 212 26.98 -0.53 17.76
N LYS B 213 26.34 -1.57 17.24
CA LYS B 213 27.01 -2.43 16.28
C LYS B 213 27.45 -1.57 15.12
N MET B 214 26.54 -0.71 14.68
CA MET B 214 26.76 0.12 13.53
C MET B 214 28.05 0.91 13.70
N ILE B 215 28.16 1.54 14.87
CA ILE B 215 29.30 2.36 15.25
C ILE B 215 30.59 1.55 15.29
N SER B 216 30.56 0.47 16.07
CA SER B 216 31.70 -0.45 16.19
C SER B 216 32.25 -0.81 14.82
N LYS B 217 31.34 -1.12 13.89
CA LYS B 217 31.74 -1.50 12.54
C LYS B 217 32.66 -0.48 11.87
N PHE B 218 32.31 0.81 11.91
CA PHE B 218 33.11 1.81 11.21
C PHE B 218 34.17 2.50 12.08
N THR B 219 34.17 2.24 13.40
CA THR B 219 35.29 2.67 14.23
C THR B 219 36.61 2.09 13.68
N ARG B 220 36.58 0.83 13.24
CA ARG B 220 37.67 0.23 12.47
C ARG B 220 37.29 0.13 11.00
N HIS B 221 38.27 0.26 10.11
CA HIS B 221 37.96 0.49 8.69
C HIS B 221 36.91 1.60 8.61
N GLY B 222 37.16 2.71 9.29
CA GLY B 222 36.28 3.86 9.19
C GLY B 222 35.72 4.20 7.82
N LEU B 223 35.18 5.40 7.67
CA LEU B 223 34.79 5.90 6.35
C LEU B 223 35.61 6.84 5.52
N LYS B 224 35.23 7.10 4.26
CA LYS B 224 36.04 7.90 3.36
C LYS B 224 35.21 9.14 3.05
N SER B 225 34.04 9.24 3.66
CA SER B 225 33.16 10.40 3.46
C SER B 225 33.21 11.39 4.62
N PRO B 226 33.55 12.65 4.31
CA PRO B 226 33.55 13.67 5.35
C PRO B 226 32.16 13.85 5.93
N PHE B 227 31.15 13.83 5.07
CA PHE B 227 29.79 14.03 5.55
C PHE B 227 29.37 12.87 6.42
N ALA B 228 29.67 11.66 5.95
CA ALA B 228 29.47 10.46 6.74
C ALA B 228 30.22 10.58 8.06
N TYR B 229 31.49 10.98 8.00
CA TYR B 229 32.25 11.23 9.22
C TYR B 229 31.49 12.13 10.21
N CYS B 230 30.97 13.25 9.72
CA CYS B 230 30.31 14.21 10.58
C CYS B 230 29.10 13.60 11.23
N MET B 231 28.23 13.02 10.41
CA MET B 231 27.01 12.43 10.94
C MET B 231 27.29 11.27 11.88
N MET B 232 28.34 10.50 11.58
CA MET B 232 28.73 9.38 12.43
C MET B 232 29.27 9.83 13.78
N ILE B 233 30.08 10.89 13.79
CA ILE B 233 30.47 11.56 15.04
C ILE B 233 29.24 11.93 15.84
N ARG B 234 28.31 12.61 15.19
CA ARG B 234 27.07 12.97 15.85
C ARG B 234 26.39 11.73 16.42
N VAL B 235 26.49 10.61 15.70
CA VAL B 235 25.88 9.36 16.17
C VAL B 235 26.57 8.88 17.43
N ALA B 236 27.89 8.99 17.42
CA ALA B 236 28.74 8.50 18.51
C ALA B 236 28.44 9.30 19.77
N SER B 237 28.08 10.56 19.60
CA SER B 237 27.77 11.42 20.73
C SER B 237 26.63 11.10 21.68
N ARG B 238 25.93 9.99 21.41
CA ARG B 238 24.78 9.66 22.27
C ARG B 238 25.32 8.83 23.50
N GLN B 239 25.20 9.48 24.65
CA GLN B 239 25.94 9.06 25.84
C GLN B 239 27.31 8.40 25.79
N SER B 257 35.93 11.22 18.74
CA SER B 257 37.14 10.99 19.57
C SER B 257 38.42 11.53 18.90
N CYS B 258 38.51 11.41 17.58
CA CYS B 258 39.78 11.60 16.87
C CYS B 258 39.79 12.78 15.89
N LEU B 259 40.58 13.81 16.20
CA LEU B 259 40.58 15.04 15.43
C LEU B 259 41.75 15.17 14.47
N ARG B 260 42.29 14.04 14.03
CA ARG B 260 43.39 14.05 13.07
C ARG B 260 42.88 14.06 11.63
N ASN B 261 41.57 14.17 11.47
CA ASN B 261 40.97 14.14 10.14
C ASN B 261 41.48 15.23 9.20
N LYS B 262 41.67 14.89 7.92
CA LYS B 262 42.27 15.81 6.96
C LYS B 262 41.25 16.78 6.37
N HIS B 263 40.01 16.70 6.84
CA HIS B 263 38.96 17.64 6.45
C HIS B 263 38.53 18.55 7.60
N GLU B 264 38.57 19.85 7.32
CA GLU B 264 38.22 20.91 8.26
C GLU B 264 36.91 20.62 9.00
N MET B 265 35.92 20.23 8.20
CA MET B 265 34.56 19.99 8.64
C MET B 265 34.49 18.96 9.76
N VAL B 266 35.24 17.87 9.57
CA VAL B 266 35.19 16.76 10.52
C VAL B 266 35.88 17.16 11.81
N VAL B 267 36.99 17.88 11.66
CA VAL B 267 37.75 18.32 12.82
C VAL B 267 36.88 19.19 13.71
N TYR B 268 36.28 20.21 13.10
CA TYR B 268 35.35 21.05 13.81
C TYR B 268 34.26 20.20 14.50
N GLU B 269 33.58 19.36 13.72
CA GLU B 269 32.46 18.54 14.22
C GLU B 269 32.83 17.80 15.50
N ALA B 270 33.97 17.12 15.39
CA ALA B 270 34.57 16.39 16.48
C ALA B 270 34.70 17.32 17.69
N ALA B 271 35.35 18.45 17.45
CA ALA B 271 35.62 19.43 18.50
C ALA B 271 34.37 19.87 19.25
N SER B 272 33.38 20.37 18.51
CA SER B 272 32.13 20.83 19.12
C SER B 272 31.44 19.69 19.85
N ALA B 273 31.67 18.48 19.37
CA ALA B 273 31.08 17.30 19.98
C ALA B 273 31.69 17.06 21.35
N ILE B 274 33.01 17.13 21.39
CA ILE B 274 33.81 16.80 22.56
C ILE B 274 33.45 17.64 23.78
N VAL B 275 33.12 18.90 23.55
CA VAL B 275 32.92 19.86 24.63
C VAL B 275 31.50 19.78 25.22
N ASN B 276 30.72 18.79 24.79
CA ASN B 276 29.46 18.44 25.45
C ASN B 276 29.31 16.93 25.67
N ALA B 288 39.98 16.95 31.55
CA ALA B 288 40.91 16.36 30.60
C ALA B 288 40.41 16.58 29.16
N VAL B 289 40.29 17.85 28.78
CA VAL B 289 39.87 18.22 27.44
C VAL B 289 41.04 18.83 26.66
N SER B 290 40.86 18.99 25.36
CA SER B 290 41.88 19.57 24.50
C SER B 290 41.25 20.53 23.51
N VAL B 291 40.86 21.71 24.01
CA VAL B 291 40.14 22.70 23.22
C VAL B 291 41.06 23.63 22.44
N LEU B 292 42.22 23.13 22.05
CA LEU B 292 43.19 23.97 21.34
C LEU B 292 42.76 24.27 19.91
N GLN B 293 42.38 23.21 19.18
CA GLN B 293 42.05 23.26 17.76
C GLN B 293 40.96 24.27 17.40
N LEU B 294 39.98 24.44 18.29
CA LEU B 294 39.00 25.52 18.15
C LEU B 294 39.72 26.88 18.08
N PHE B 295 40.42 27.23 19.15
CA PHE B 295 41.22 28.44 19.20
C PHE B 295 42.08 28.60 17.93
N CYS B 296 42.66 27.50 17.46
CA CYS B 296 43.51 27.56 16.28
C CYS B 296 42.69 27.80 15.01
N SER B 297 41.41 27.47 15.07
CA SER B 297 40.47 27.77 14.00
C SER B 297 40.04 29.25 14.06
N SER B 298 40.10 29.81 15.26
CA SER B 298 39.64 31.17 15.51
C SER B 298 40.27 32.19 14.56
N PRO B 299 41.44 31.86 14.05
CA PRO B 299 42.11 32.74 13.08
C PRO B 299 41.87 32.24 11.66
N LYS B 300 40.91 32.84 10.95
CA LYS B 300 40.59 32.38 9.59
C LYS B 300 39.40 33.11 8.95
N ALA B 301 39.04 32.75 7.73
CA ALA B 301 37.90 33.40 7.04
C ALA B 301 36.63 32.59 7.35
N ALA B 302 35.65 33.19 8.04
CA ALA B 302 34.28 32.64 8.16
C ALA B 302 34.10 31.27 8.90
N LEU B 303 35.22 30.62 9.24
CA LEU B 303 35.24 29.41 10.08
C LEU B 303 35.18 29.82 11.54
N ARG B 304 35.73 31.00 11.80
CA ARG B 304 35.86 31.59 13.13
C ARG B 304 34.52 31.84 13.78
N TYR B 305 33.47 31.99 12.96
CA TYR B 305 32.12 32.13 13.49
C TYR B 305 31.72 30.86 14.23
N ALA B 306 32.02 29.72 13.62
CA ALA B 306 31.69 28.43 14.22
C ALA B 306 32.44 28.26 15.53
N ALA B 307 33.75 28.46 15.47
CA ALA B 307 34.59 28.37 16.66
C ALA B 307 33.97 29.20 17.78
N VAL B 308 34.07 30.52 17.64
CA VAL B 308 33.56 31.41 18.67
C VAL B 308 32.14 31.10 19.11
N ARG B 309 31.28 30.76 18.16
CA ARG B 309 29.87 30.60 18.49
C ARG B 309 29.72 29.55 19.59
N THR B 310 30.54 28.51 19.51
CA THR B 310 30.63 27.52 20.57
C THR B 310 30.98 28.24 21.90
N LEU B 311 30.48 27.75 23.02
CA LEU B 311 30.57 28.46 24.31
C LEU B 311 29.78 29.78 24.31
N GLU C 7 20.02 15.35 18.08
CA GLU C 7 19.70 14.10 17.36
C GLU C 7 20.12 14.18 15.89
N PRO C 8 20.86 13.15 15.41
CA PRO C 8 21.49 13.18 14.09
C PRO C 8 20.48 12.94 12.96
N SER C 9 20.78 13.51 11.80
CA SER C 9 19.88 13.42 10.67
C SER C 9 20.57 13.68 9.35
N LEU C 10 19.97 13.18 8.29
CA LEU C 10 20.40 13.47 6.94
C LEU C 10 19.76 14.79 6.49
N TYR C 11 18.82 15.26 7.30
CA TYR C 11 18.10 16.49 7.04
C TYR C 11 18.85 17.64 7.70
N THR C 12 19.51 18.45 6.86
CA THR C 12 20.40 19.52 7.32
C THR C 12 19.92 20.90 6.84
N VAL C 13 19.76 21.05 5.51
CA VAL C 13 19.30 22.29 4.89
C VAL C 13 17.79 22.59 5.15
N LYS C 14 17.53 23.74 5.77
CA LYS C 14 16.16 24.20 6.05
C LYS C 14 15.58 24.92 4.84
N ALA C 15 16.42 25.70 4.17
CA ALA C 15 15.99 26.35 2.93
C ALA C 15 17.13 26.81 2.05
N ILE C 16 16.78 27.10 0.80
CA ILE C 16 17.71 27.70 -0.13
C ILE C 16 17.06 28.89 -0.82
N LEU C 17 17.71 30.06 -0.75
CA LEU C 17 17.14 31.28 -1.34
C LEU C 17 18.11 31.94 -2.29
N ILE C 18 17.52 32.58 -3.29
CA ILE C 18 18.24 33.51 -4.16
C ILE C 18 17.37 34.77 -4.27
N LEU C 19 17.91 35.89 -3.77
CA LEU C 19 17.17 37.16 -3.75
C LEU C 19 17.82 38.26 -4.59
N ASP C 20 17.01 39.05 -5.29
CA ASP C 20 17.50 40.22 -6.04
C ASP C 20 17.75 41.44 -5.15
N ASN C 21 18.18 42.54 -5.75
CA ASN C 21 18.53 43.76 -5.02
C ASN C 21 17.45 44.28 -4.09
N ASP C 22 16.20 44.06 -4.47
CA ASP C 22 15.05 44.44 -3.65
C ASP C 22 14.64 43.34 -2.65
N GLY C 23 15.45 42.29 -2.53
CA GLY C 23 15.17 41.20 -1.60
C GLY C 23 13.94 40.44 -2.05
N ASP C 24 13.56 40.66 -3.31
CA ASP C 24 12.50 39.91 -3.95
C ASP C 24 12.98 38.55 -4.38
N ARG C 25 12.04 37.61 -4.57
CA ARG C 25 12.41 36.22 -4.70
C ARG C 25 12.68 35.78 -6.15
N LEU C 26 13.96 35.52 -6.45
CA LEU C 26 14.32 34.90 -7.71
C LEU C 26 14.16 33.38 -7.60
N PHE C 27 14.61 32.82 -6.47
CA PHE C 27 14.45 31.38 -6.24
C PHE C 27 14.25 31.05 -4.77
N ALA C 28 13.31 30.17 -4.42
CA ALA C 28 13.25 29.70 -3.04
C ALA C 28 12.75 28.27 -2.88
N LYS C 29 13.41 27.54 -1.97
CA LYS C 29 12.87 26.28 -1.48
C LYS C 29 12.92 26.21 0.02
N TYR C 30 11.81 25.81 0.60
CA TYR C 30 11.74 25.64 2.03
C TYR C 30 11.53 24.15 2.27
N TYR C 31 12.43 23.56 3.03
CA TYR C 31 12.50 22.11 3.10
C TYR C 31 11.80 21.55 4.32
N ASP C 32 11.12 22.40 5.09
CA ASP C 32 10.39 21.97 6.30
C ASP C 32 9.29 22.97 6.73
N ASP C 33 8.73 22.80 7.91
CA ASP C 33 7.52 23.56 8.29
C ASP C 33 7.71 24.86 9.08
N THR C 34 8.97 25.28 9.28
CA THR C 34 9.26 26.53 9.99
C THR C 34 8.49 27.75 9.43
N TYR C 35 8.52 27.95 8.12
CA TYR C 35 7.81 29.07 7.53
C TYR C 35 6.73 28.51 6.59
N PRO C 36 5.60 28.07 7.19
CA PRO C 36 4.51 27.29 6.58
C PRO C 36 3.91 27.91 5.31
N SER C 37 3.59 29.20 5.36
CA SER C 37 2.95 29.88 4.25
C SER C 37 3.89 30.87 3.53
N VAL C 38 3.60 31.11 2.25
CA VAL C 38 4.33 32.11 1.48
C VAL C 38 4.43 33.46 2.16
N LYS C 39 3.41 33.88 2.89
CA LYS C 39 3.45 35.18 3.53
C LYS C 39 4.65 35.21 4.43
N GLU C 40 4.69 34.30 5.39
CA GLU C 40 5.73 34.34 6.42
C GLU C 40 7.10 34.00 5.84
N GLN C 41 7.10 33.29 4.72
CA GLN C 41 8.33 33.04 3.97
C GLN C 41 8.90 34.32 3.39
N LYS C 42 8.08 35.05 2.65
CA LYS C 42 8.48 36.31 2.05
C LYS C 42 8.89 37.29 3.14
N ALA C 43 8.17 37.26 4.26
CA ALA C 43 8.53 38.05 5.45
C ALA C 43 9.94 37.72 5.93
N PHE C 44 10.21 36.41 6.07
CA PHE C 44 11.55 35.93 6.40
C PHE C 44 12.60 36.46 5.39
N GLU C 45 12.31 36.31 4.10
CA GLU C 45 13.26 36.69 3.08
C GLU C 45 13.58 38.18 3.18
N LYS C 46 12.57 39.04 3.33
CA LYS C 46 12.78 40.48 3.50
C LYS C 46 13.68 40.72 4.70
N ASN C 47 13.25 40.12 5.81
CA ASN C 47 14.03 40.14 7.04
C ASN C 47 15.52 39.85 6.89
N ILE C 48 15.85 38.79 6.18
CA ILE C 48 17.24 38.40 6.06
C ILE C 48 17.97 39.23 5.03
N PHE C 49 17.23 39.74 4.03
CA PHE C 49 17.83 40.64 3.05
C PHE C 49 18.20 41.96 3.68
N ASN C 50 17.29 42.45 4.52
CA ASN C 50 17.47 43.74 5.19
C ASN C 50 18.68 43.67 6.08
N LYS C 51 18.91 42.49 6.63
CA LYS C 51 20.10 42.26 7.47
C LYS C 51 21.39 42.08 6.68
N THR C 52 21.31 41.33 5.58
CA THR C 52 22.50 40.97 4.85
C THR C 52 22.83 41.79 3.59
N HIS C 53 21.96 42.70 3.15
CA HIS C 53 22.25 43.46 1.93
C HIS C 53 23.58 44.20 2.08
N ARG C 54 24.31 44.31 0.97
CA ARG C 54 25.63 44.97 0.95
C ARG C 54 26.49 44.60 2.16
N THR C 55 26.87 43.32 2.27
CA THR C 55 27.79 42.82 3.31
C THR C 55 28.58 41.64 2.75
N ASP C 56 29.76 41.41 3.31
CA ASP C 56 30.59 40.28 2.92
C ASP C 56 30.56 39.22 4.01
N SER C 57 30.34 39.64 5.25
CA SER C 57 30.22 38.69 6.35
C SER C 57 29.43 37.60 5.65
N GLU C 58 30.00 36.41 5.61
CA GLU C 58 29.33 35.28 4.97
C GLU C 58 28.59 34.36 5.93
N ILE C 59 28.19 34.89 7.08
CA ILE C 59 27.51 34.04 8.06
C ILE C 59 26.73 34.87 9.06
N ALA C 60 25.55 34.41 9.45
CA ALA C 60 24.70 35.21 10.30
C ALA C 60 23.81 34.31 11.15
N LEU C 61 23.50 34.73 12.37
CA LEU C 61 22.45 34.07 13.12
C LEU C 61 21.23 34.97 12.98
N LEU C 62 20.17 34.47 12.34
CA LEU C 62 18.94 35.22 12.29
C LEU C 62 17.70 34.34 12.47
N GLU C 63 16.81 34.80 13.32
CA GLU C 63 15.57 34.08 13.62
C GLU C 63 15.89 32.73 14.24
N GLY C 64 17.06 32.63 14.85
CA GLY C 64 17.44 31.44 15.59
C GLY C 64 17.98 30.38 14.67
N LEU C 65 18.37 30.82 13.48
CA LEU C 65 18.83 29.94 12.43
C LEU C 65 20.17 30.42 11.92
N THR C 66 21.02 29.47 11.56
CA THR C 66 22.22 29.82 10.81
C THR C 66 21.91 30.14 9.34
N VAL C 67 22.33 31.32 8.93
CA VAL C 67 22.21 31.74 7.57
C VAL C 67 23.59 31.92 6.98
N VAL C 68 23.85 31.18 5.92
CA VAL C 68 25.12 31.29 5.24
C VAL C 68 24.84 31.94 3.89
N TYR C 69 25.70 32.87 3.49
CA TYR C 69 25.36 33.64 2.30
C TYR C 69 26.54 34.20 1.56
N LYS C 70 26.29 34.59 0.31
CA LYS C 70 27.30 35.29 -0.48
C LYS C 70 26.61 36.04 -1.61
N SER C 71 27.39 36.79 -2.39
CA SER C 71 26.79 37.77 -3.31
C SER C 71 27.46 37.79 -4.68
N SER C 72 26.75 38.40 -5.61
CA SER C 72 27.31 38.80 -6.87
C SER C 72 26.71 40.17 -7.18
N ILE C 73 26.90 40.65 -8.39
CA ILE C 73 26.50 42.01 -8.71
C ILE C 73 25.11 42.38 -8.22
N ASP C 74 24.07 41.79 -8.80
CA ASP C 74 22.71 42.04 -8.31
C ASP C 74 22.08 40.94 -7.46
N LEU C 75 22.83 39.88 -7.13
CA LEU C 75 22.19 38.70 -6.52
C LEU C 75 22.71 38.28 -5.16
N TYR C 76 21.81 37.74 -4.35
CA TYR C 76 22.20 37.16 -3.07
C TYR C 76 21.83 35.68 -2.98
N PHE C 77 22.76 34.90 -2.44
CA PHE C 77 22.61 33.46 -2.31
C PHE C 77 22.66 33.07 -0.88
N TYR C 78 21.65 32.32 -0.46
CA TYR C 78 21.53 31.90 0.93
C TYR C 78 21.27 30.39 1.08
N VAL C 79 22.04 29.77 1.96
CA VAL C 79 21.63 28.48 2.52
C VAL C 79 21.29 28.65 4.00
N ILE C 80 20.12 28.17 4.38
CA ILE C 80 19.67 28.31 5.75
C ILE C 80 19.49 26.96 6.40
N GLY C 81 20.00 26.86 7.63
CA GLY C 81 19.80 25.68 8.44
C GLY C 81 19.69 26.00 9.91
N SER C 82 19.42 24.98 10.71
CA SER C 82 19.32 25.12 12.16
C SER C 82 20.62 25.64 12.77
N SER C 83 20.50 26.38 13.86
CA SER C 83 21.68 26.86 14.59
C SER C 83 22.53 25.69 15.11
N TYR C 84 21.90 24.52 15.21
CA TYR C 84 22.55 23.31 15.70
C TYR C 84 23.30 22.54 14.61
N GLU C 85 23.27 23.03 13.37
CA GLU C 85 23.99 22.34 12.30
C GLU C 85 25.44 22.79 12.23
N ASN C 86 26.18 22.15 11.34
CA ASN C 86 27.58 22.44 11.14
C ASN C 86 27.72 23.49 10.05
N GLU C 87 28.27 24.62 10.44
CA GLU C 87 28.39 25.76 9.54
C GLU C 87 29.15 25.42 8.25
N LEU C 88 30.15 24.56 8.35
CA LEU C 88 30.99 24.27 7.17
C LEU C 88 30.27 23.39 6.17
N MET C 89 29.30 22.61 6.63
CA MET C 89 28.50 21.78 5.75
C MET C 89 27.51 22.65 4.93
N LEU C 90 26.79 23.53 5.62
CA LEU C 90 26.01 24.57 4.96
C LEU C 90 26.87 25.31 3.96
N MET C 91 28.05 25.72 4.39
CA MET C 91 29.00 26.39 3.51
C MET C 91 29.31 25.55 2.25
N THR C 92 29.45 24.23 2.38
CA THR C 92 29.66 23.38 1.18
C THR C 92 28.45 23.38 0.23
N VAL C 93 27.26 23.51 0.80
CA VAL C 93 26.06 23.69 -0.02
C VAL C 93 26.09 25.03 -0.78
N LEU C 94 26.38 26.11 -0.07
CA LEU C 94 26.36 27.42 -0.72
C LEU C 94 27.40 27.48 -1.81
N ASN C 95 28.58 26.97 -1.52
CA ASN C 95 29.63 26.99 -2.51
C ASN C 95 29.22 26.16 -3.69
N CYS C 96 28.73 24.94 -3.44
CA CYS C 96 28.27 24.10 -4.52
C CYS C 96 27.30 24.86 -5.41
N LEU C 97 26.26 25.44 -4.82
CA LEU C 97 25.26 26.16 -5.60
C LEU C 97 25.85 27.31 -6.45
N PHE C 98 26.75 28.08 -5.87
CA PHE C 98 27.30 29.24 -6.59
C PHE C 98 28.29 28.83 -7.70
N ASP C 99 29.21 27.92 -7.36
CA ASP C 99 30.14 27.39 -8.36
C ASP C 99 29.37 26.70 -9.50
N SER C 100 28.49 25.77 -9.14
CA SER C 100 27.65 25.11 -10.11
C SER C 100 27.02 26.13 -11.04
N LEU C 101 26.36 27.14 -10.47
CA LEU C 101 25.70 28.12 -11.33
C LEU C 101 26.68 28.85 -12.25
N SER C 102 27.87 29.18 -11.74
CA SER C 102 28.95 29.77 -12.55
C SER C 102 29.28 28.92 -13.76
N GLN C 103 29.80 27.72 -13.49
CA GLN C 103 30.24 26.79 -14.52
C GLN C 103 29.14 26.55 -15.55
N MET C 104 27.90 26.55 -15.06
CA MET C 104 26.72 26.34 -15.89
C MET C 104 26.57 27.47 -16.89
N LEU C 105 26.61 28.68 -16.35
CA LEU C 105 26.33 29.87 -17.12
C LEU C 105 27.54 30.28 -17.95
N ARG C 106 28.72 29.76 -17.58
CA ARG C 106 29.99 30.22 -18.16
C ARG C 106 29.99 31.74 -18.20
N LYS C 107 29.98 32.36 -17.03
CA LYS C 107 29.76 33.79 -16.99
C LYS C 107 29.67 34.30 -15.55
N ASN C 108 29.68 35.62 -15.38
CA ASN C 108 29.39 36.20 -14.09
C ASN C 108 27.93 35.91 -13.79
N VAL C 109 27.64 35.55 -12.54
CA VAL C 109 26.29 35.09 -12.21
C VAL C 109 25.44 36.24 -11.72
N GLU C 110 24.50 36.69 -12.55
CA GLU C 110 23.75 37.90 -12.22
C GLU C 110 22.30 37.77 -12.72
N LYS C 111 21.44 38.65 -12.22
CA LYS C 111 20.01 38.55 -12.46
C LYS C 111 19.68 38.34 -13.93
N ARG C 112 20.35 39.09 -14.80
CA ARG C 112 20.15 38.95 -16.25
C ARG C 112 20.46 37.54 -16.74
N ALA C 113 21.70 37.12 -16.49
CA ALA C 113 22.17 35.82 -16.93
C ALA C 113 21.28 34.71 -16.35
N LEU C 114 21.02 34.78 -15.06
CA LEU C 114 20.27 33.74 -14.38
C LEU C 114 18.88 33.61 -14.97
N LEU C 115 18.19 34.72 -15.17
CA LEU C 115 16.88 34.64 -15.79
C LEU C 115 16.95 34.11 -17.21
N GLU C 116 18.08 34.33 -17.88
CA GLU C 116 18.24 33.79 -19.24
C GLU C 116 18.06 32.28 -19.26
N ASN C 117 18.61 31.58 -18.28
CA ASN C 117 18.29 30.17 -18.13
C ASN C 117 17.72 29.77 -16.79
N MET C 118 16.41 29.67 -16.68
CA MET C 118 15.80 29.19 -15.44
C MET C 118 15.79 27.67 -15.34
N GLU C 119 15.63 27.00 -16.48
CA GLU C 119 15.71 25.54 -16.55
C GLU C 119 16.94 25.06 -15.82
N GLY C 120 18.09 25.50 -16.29
CA GLY C 120 19.35 25.18 -15.65
C GLY C 120 19.34 25.37 -14.14
N LEU C 121 18.84 26.51 -13.67
CA LEU C 121 18.82 26.80 -12.24
C LEU C 121 18.01 25.77 -11.49
N PHE C 122 16.78 25.55 -11.96
CA PHE C 122 15.88 24.57 -11.35
C PHE C 122 16.50 23.18 -11.25
N LEU C 123 17.08 22.74 -12.36
CA LEU C 123 17.64 21.43 -12.43
C LEU C 123 18.85 21.35 -11.50
N ALA C 124 19.57 22.46 -11.38
CA ALA C 124 20.82 22.43 -10.65
C ALA C 124 20.52 22.38 -9.16
N VAL C 125 19.57 23.21 -8.73
CA VAL C 125 19.22 23.22 -7.33
C VAL C 125 18.73 21.84 -6.99
N ASP C 126 18.00 21.23 -7.94
CA ASP C 126 17.46 19.88 -7.74
C ASP C 126 18.53 18.81 -7.64
N GLU C 127 19.68 19.04 -8.29
CA GLU C 127 20.81 18.15 -8.16
C GLU C 127 21.52 18.36 -6.83
N ILE C 128 21.37 19.55 -6.23
CA ILE C 128 22.11 19.87 -5.00
C ILE C 128 21.49 19.41 -3.68
N VAL C 129 20.19 19.60 -3.53
CA VAL C 129 19.50 19.29 -2.27
C VAL C 129 18.23 18.53 -2.59
N ASP C 130 18.04 17.41 -1.89
CA ASP C 130 16.81 16.66 -2.04
C ASP C 130 16.07 16.70 -0.70
N GLY C 131 15.02 17.51 -0.62
CA GLY C 131 14.16 17.51 0.55
C GLY C 131 14.84 17.83 1.87
N GLY C 132 15.90 18.63 1.82
CA GLY C 132 16.63 19.02 3.01
C GLY C 132 17.91 18.25 3.20
N VAL C 133 18.12 17.26 2.32
CA VAL C 133 19.30 16.42 2.35
C VAL C 133 20.32 16.90 1.32
N ILE C 134 21.61 16.86 1.65
CA ILE C 134 22.61 17.25 0.66
C ILE C 134 22.85 16.08 -0.28
N LEU C 135 22.58 16.28 -1.57
CA LEU C 135 22.65 15.22 -2.58
C LEU C 135 24.01 15.12 -3.24
N GLU C 136 24.47 16.25 -3.77
CA GLU C 136 25.82 16.38 -4.31
C GLU C 136 26.47 17.69 -3.85
N SER C 137 27.63 17.59 -3.19
CA SER C 137 28.40 18.76 -2.80
C SER C 137 29.43 19.23 -3.87
N ASP C 138 29.62 18.42 -4.91
CA ASP C 138 30.61 18.73 -5.96
C ASP C 138 30.01 19.45 -7.17
N PRO C 139 30.44 20.69 -7.41
CA PRO C 139 29.89 21.56 -8.46
C PRO C 139 29.95 20.94 -9.85
N GLN C 140 31.02 20.19 -10.12
CA GLN C 140 31.24 19.65 -11.44
C GLN C 140 30.29 18.50 -11.74
N GLN C 141 30.14 17.63 -10.76
CA GLN C 141 29.15 16.57 -10.83
C GLN C 141 27.76 17.16 -11.16
N VAL C 142 27.40 18.21 -10.46
CA VAL C 142 26.12 18.88 -10.65
C VAL C 142 25.97 19.46 -12.06
N VAL C 143 27.02 20.13 -12.53
CA VAL C 143 26.95 20.70 -13.87
C VAL C 143 26.83 19.60 -14.90
N HIS C 144 27.46 18.45 -14.63
CA HIS C 144 27.43 17.36 -15.58
C HIS C 144 26.04 16.80 -15.71
N ARG C 145 25.29 16.83 -14.62
CA ARG C 145 23.97 16.19 -14.57
C ARG C 145 22.87 17.04 -15.21
N VAL C 146 23.27 18.13 -15.84
CA VAL C 146 22.41 18.97 -16.68
C VAL C 146 22.93 19.09 -18.15
N MET D 1 1.39 -39.36 -3.02
CA MET D 1 2.55 -38.46 -3.03
C MET D 1 2.19 -37.02 -2.70
N ARG D 2 3.17 -36.24 -2.27
CA ARG D 2 2.97 -34.87 -1.83
C ARG D 2 3.91 -33.91 -2.56
N ILE D 3 3.36 -32.82 -3.07
CA ILE D 3 4.12 -31.95 -3.96
C ILE D 3 4.23 -30.50 -3.52
N LEU D 4 5.39 -29.93 -3.84
CA LEU D 4 5.63 -28.51 -3.66
C LEU D 4 5.93 -27.94 -5.01
N MET D 5 5.09 -27.02 -5.45
CA MET D 5 5.27 -26.33 -6.71
C MET D 5 5.59 -24.83 -6.50
N VAL D 6 6.82 -24.48 -6.88
CA VAL D 6 7.38 -23.16 -6.64
C VAL D 6 8.13 -22.66 -7.87
N GLY D 7 8.51 -21.39 -7.82
CA GLY D 7 9.23 -20.74 -8.90
C GLY D 7 9.00 -19.25 -8.78
N LEU D 8 9.65 -18.45 -9.60
CA LEU D 8 9.43 -17.01 -9.52
C LEU D 8 7.97 -16.70 -9.84
N ASP D 9 7.56 -15.51 -9.45
CA ASP D 9 6.28 -14.95 -9.86
C ASP D 9 6.17 -14.91 -11.39
N GLY D 10 5.03 -15.37 -11.91
CA GLY D 10 4.76 -15.23 -13.33
C GLY D 10 5.15 -16.44 -14.14
N ALA D 11 5.60 -17.48 -13.44
CA ALA D 11 6.06 -18.70 -14.08
C ALA D 11 4.92 -19.55 -14.69
N GLY D 12 3.72 -19.54 -14.11
CA GLY D 12 2.63 -20.40 -14.53
C GLY D 12 2.24 -21.49 -13.54
N LYS D 13 2.80 -21.41 -12.34
CA LYS D 13 2.47 -22.33 -11.27
C LYS D 13 0.97 -22.53 -11.06
N THR D 14 0.22 -21.42 -10.99
CA THR D 14 -1.21 -21.51 -10.69
C THR D 14 -1.95 -21.96 -11.93
N THR D 15 -1.43 -21.52 -13.08
CA THR D 15 -1.97 -21.94 -14.36
C THR D 15 -1.86 -23.46 -14.50
N VAL D 16 -0.67 -24.00 -14.21
CA VAL D 16 -0.45 -25.45 -14.19
C VAL D 16 -1.36 -26.18 -13.21
N LEU D 17 -1.32 -25.79 -11.94
CA LEU D 17 -2.14 -26.49 -10.94
C LEU D 17 -3.57 -26.60 -11.46
N TYR D 18 -4.15 -25.48 -11.89
CA TYR D 18 -5.57 -25.53 -12.26
C TYR D 18 -5.89 -26.13 -13.64
N LYS D 19 -4.93 -26.07 -14.55
CA LYS D 19 -5.01 -26.82 -15.80
C LYS D 19 -5.08 -28.32 -15.52
N LEU D 20 -4.26 -28.77 -14.58
CA LEU D 20 -4.35 -30.14 -14.09
C LEU D 20 -5.68 -30.44 -13.42
N LYS D 21 -6.10 -29.61 -12.48
CA LYS D 21 -7.26 -29.92 -11.65
C LYS D 21 -8.60 -29.72 -12.36
N LEU D 22 -8.78 -28.59 -13.05
CA LEU D 22 -10.05 -28.32 -13.72
C LEU D 22 -10.06 -28.51 -15.24
N GLY D 23 -8.89 -28.76 -15.85
CA GLY D 23 -8.83 -28.77 -17.31
C GLY D 23 -9.02 -27.41 -17.98
N GLU D 24 -9.42 -26.41 -17.20
CA GLU D 24 -9.57 -25.03 -17.69
C GLU D 24 -8.22 -24.35 -17.69
N VAL D 25 -8.02 -23.42 -18.61
CA VAL D 25 -6.96 -22.45 -18.41
C VAL D 25 -7.61 -21.28 -17.73
N ILE D 26 -7.34 -21.11 -16.44
CA ILE D 26 -7.98 -20.03 -15.68
C ILE D 26 -7.38 -18.63 -15.92
N THR D 27 -8.18 -17.62 -15.66
CA THR D 27 -7.68 -16.26 -15.57
C THR D 27 -7.18 -16.06 -14.14
N THR D 28 -5.93 -15.65 -14.00
CA THR D 28 -5.31 -15.63 -12.68
C THR D 28 -4.96 -14.23 -12.15
N ILE D 29 -4.81 -14.20 -10.84
CA ILE D 29 -4.15 -13.10 -10.16
C ILE D 29 -2.93 -13.68 -9.45
N PRO D 30 -1.92 -12.83 -9.25
CA PRO D 30 -0.73 -13.25 -8.49
C PRO D 30 -1.13 -13.85 -7.15
N THR D 31 -0.49 -14.96 -6.81
CA THR D 31 -0.88 -15.70 -5.62
C THR D 31 -0.08 -15.24 -4.39
N ILE D 32 -0.78 -14.63 -3.43
CA ILE D 32 -0.14 -14.08 -2.24
C ILE D 32 -0.45 -15.08 -1.16
N GLY D 33 0.51 -15.93 -0.80
CA GLY D 33 0.19 -17.18 -0.14
C GLY D 33 0.16 -18.34 -1.13
N PHE D 34 -0.73 -19.31 -0.91
CA PHE D 34 -0.75 -20.54 -1.73
C PHE D 34 -2.13 -20.95 -2.25
N ASN D 35 -2.11 -21.85 -3.22
CA ASN D 35 -3.24 -22.69 -3.58
C ASN D 35 -2.86 -24.11 -3.24
N VAL D 36 -3.83 -24.93 -2.83
CA VAL D 36 -3.54 -26.35 -2.58
C VAL D 36 -4.63 -27.24 -3.14
N GLU D 37 -4.27 -28.11 -4.08
CA GLU D 37 -5.29 -28.96 -4.68
C GLU D 37 -4.84 -30.41 -4.79
N THR D 38 -5.78 -31.33 -4.62
CA THR D 38 -5.52 -32.74 -4.84
C THR D 38 -5.80 -33.08 -6.30
N VAL D 39 -4.83 -33.70 -6.98
CA VAL D 39 -4.98 -34.07 -8.39
C VAL D 39 -4.78 -35.59 -8.58
N GLN D 40 -5.65 -36.25 -9.36
CA GLN D 40 -5.56 -37.69 -9.59
C GLN D 40 -4.93 -38.02 -10.93
N TYR D 41 -3.79 -38.70 -10.92
CA TYR D 41 -3.20 -39.19 -12.15
C TYR D 41 -2.84 -40.64 -11.94
N LYS D 42 -3.47 -41.53 -12.72
CA LYS D 42 -3.17 -42.97 -12.70
C LYS D 42 -2.97 -43.51 -11.29
N ASN D 43 -4.05 -43.50 -10.51
CA ASN D 43 -4.02 -44.07 -9.16
C ASN D 43 -2.92 -43.50 -8.27
N ILE D 44 -2.53 -42.24 -8.52
CA ILE D 44 -1.81 -41.46 -7.53
C ILE D 44 -2.64 -40.22 -7.29
N SER D 45 -2.88 -39.90 -6.02
CA SER D 45 -3.44 -38.58 -5.70
C SER D 45 -2.35 -37.65 -5.16
N PHE D 46 -1.89 -36.72 -6.00
CA PHE D 46 -0.91 -35.70 -5.59
C PHE D 46 -1.59 -34.56 -4.86
N THR D 47 -1.26 -34.35 -3.59
CA THR D 47 -1.63 -33.08 -2.97
C THR D 47 -0.58 -32.07 -3.42
N VAL D 48 -1.00 -31.05 -4.14
CA VAL D 48 -0.07 -30.05 -4.66
C VAL D 48 -0.21 -28.70 -3.97
N TRP D 49 0.89 -28.24 -3.38
CA TRP D 49 0.93 -26.90 -2.81
C TRP D 49 1.64 -25.98 -3.79
N ASP D 50 0.87 -25.10 -4.42
CA ASP D 50 1.36 -24.08 -5.32
C ASP D 50 1.58 -22.83 -4.49
N VAL D 51 2.83 -22.45 -4.28
CA VAL D 51 3.09 -21.26 -3.46
C VAL D 51 3.63 -20.13 -4.32
N GLY D 52 3.32 -18.90 -3.91
CA GLY D 52 3.55 -17.76 -4.77
C GLY D 52 4.99 -17.31 -4.89
N GLY D 53 5.40 -16.96 -6.11
CA GLY D 53 6.76 -16.54 -6.37
C GLY D 53 7.13 -15.07 -6.21
N GLN D 54 6.22 -14.21 -5.77
CA GLN D 54 6.63 -12.84 -5.48
C GLN D 54 7.44 -12.79 -4.19
N ASP D 55 8.35 -11.81 -4.11
CA ASP D 55 9.39 -11.76 -3.07
C ASP D 55 8.93 -11.93 -1.63
N ARG D 56 7.86 -11.26 -1.23
CA ARG D 56 7.43 -11.37 0.17
C ARG D 56 6.88 -12.78 0.52
N ILE D 57 6.42 -13.53 -0.48
CA ILE D 57 6.00 -14.91 -0.24
C ILE D 57 7.14 -15.94 -0.29
N ARG D 58 8.12 -15.74 -1.18
CA ARG D 58 9.29 -16.64 -1.33
C ARG D 58 9.94 -17.07 -0.01
N SER D 59 10.10 -16.09 0.87
CA SER D 59 10.65 -16.31 2.18
C SER D 59 9.79 -17.30 2.96
N LEU D 60 8.56 -17.52 2.51
CA LEU D 60 7.66 -18.34 3.29
C LEU D 60 7.55 -19.81 2.84
N TRP D 61 8.19 -20.15 1.73
CA TRP D 61 8.19 -21.53 1.22
C TRP D 61 8.63 -22.51 2.29
N ARG D 62 9.69 -22.18 2.99
CA ARG D 62 10.32 -23.13 3.89
C ARG D 62 9.34 -23.81 4.84
N HIS D 63 8.29 -23.12 5.25
CA HIS D 63 7.31 -23.79 6.12
C HIS D 63 6.56 -24.89 5.40
N TYR D 64 6.69 -24.91 4.07
CA TYR D 64 6.11 -25.95 3.27
C TYR D 64 7.12 -27.02 2.82
N TYR D 65 8.37 -26.87 3.25
CA TYR D 65 9.45 -27.82 2.91
C TYR D 65 9.22 -29.19 3.57
N ARG D 66 8.85 -29.17 4.84
CA ARG D 66 8.61 -30.41 5.59
C ARG D 66 7.68 -31.40 4.89
N ASN D 67 8.05 -32.69 4.96
CA ASN D 67 7.25 -33.81 4.44
C ASN D 67 6.93 -33.72 2.96
N THR D 68 7.79 -33.02 2.22
CA THR D 68 7.58 -32.90 0.78
C THR D 68 8.34 -34.00 0.02
N GLU D 69 7.58 -34.86 -0.67
CA GLU D 69 8.14 -35.97 -1.42
C GLU D 69 8.65 -35.55 -2.81
N GLY D 70 8.15 -34.43 -3.30
CA GLY D 70 8.53 -33.96 -4.63
C GLY D 70 8.43 -32.46 -4.84
N VAL D 71 9.18 -31.99 -5.83
CA VAL D 71 9.23 -30.56 -6.14
C VAL D 71 9.09 -30.29 -7.65
N ILE D 72 8.10 -29.46 -7.99
CA ILE D 72 7.99 -28.96 -9.36
C ILE D 72 8.52 -27.54 -9.35
N PHE D 73 9.57 -27.28 -10.11
CA PHE D 73 10.10 -25.94 -10.18
C PHE D 73 9.79 -25.36 -11.55
N VAL D 74 8.99 -24.31 -11.56
CA VAL D 74 8.45 -23.78 -12.80
C VAL D 74 9.21 -22.50 -13.16
N VAL D 75 9.72 -22.44 -14.39
CA VAL D 75 10.40 -21.25 -14.88
C VAL D 75 9.79 -20.73 -16.18
N ASP D 76 9.71 -19.41 -16.31
CA ASP D 76 9.24 -18.78 -17.53
C ASP D 76 10.41 -18.80 -18.51
N SER D 77 10.21 -19.50 -19.62
CA SER D 77 11.26 -19.75 -20.61
C SER D 77 11.46 -18.54 -21.49
N ASN D 78 10.48 -17.64 -21.50
CA ASN D 78 10.60 -16.42 -22.29
C ASN D 78 11.32 -15.29 -21.51
N ASP D 79 11.56 -15.47 -20.21
CA ASP D 79 12.22 -14.41 -19.44
C ASP D 79 13.70 -14.69 -19.14
N ARG D 80 14.57 -14.01 -19.87
CA ARG D 80 16.00 -14.23 -19.73
C ARG D 80 16.54 -13.43 -18.55
N SER D 81 15.98 -12.24 -18.37
CA SER D 81 16.36 -11.39 -17.25
C SER D 81 16.34 -12.16 -15.94
N ARG D 82 15.29 -12.92 -15.68
CA ARG D 82 15.14 -13.56 -14.38
C ARG D 82 15.63 -15.03 -14.26
N ILE D 83 16.19 -15.57 -15.33
CA ILE D 83 16.71 -16.95 -15.24
C ILE D 83 17.82 -17.09 -14.19
N GLY D 84 18.70 -16.09 -14.10
CA GLY D 84 19.72 -16.09 -13.06
C GLY D 84 19.06 -16.21 -11.70
N GLU D 85 18.16 -15.29 -11.39
CA GLU D 85 17.43 -15.27 -10.11
C GLU D 85 16.86 -16.66 -9.81
N ALA D 86 16.33 -17.28 -10.86
CA ALA D 86 15.80 -18.63 -10.78
C ALA D 86 16.85 -19.65 -10.29
N ARG D 87 17.98 -19.68 -11.00
CA ARG D 87 19.09 -20.57 -10.63
C ARG D 87 19.38 -20.36 -9.16
N GLU D 88 19.60 -19.11 -8.78
CA GLU D 88 19.93 -18.79 -7.38
C GLU D 88 18.94 -19.39 -6.41
N VAL D 89 17.65 -19.15 -6.63
CA VAL D 89 16.63 -19.67 -5.72
C VAL D 89 16.72 -21.19 -5.65
N MET D 90 16.78 -21.80 -6.82
CA MET D 90 16.76 -23.26 -6.90
C MET D 90 17.91 -23.85 -6.11
N GLN D 91 19.11 -23.34 -6.35
CA GLN D 91 20.32 -23.86 -5.74
C GLN D 91 20.22 -23.89 -4.23
N ARG D 92 19.96 -22.74 -3.62
CA ARG D 92 19.85 -22.73 -2.17
C ARG D 92 18.66 -23.53 -1.69
N MET D 93 17.72 -23.86 -2.59
CA MET D 93 16.66 -24.82 -2.23
C MET D 93 17.23 -26.22 -2.18
N LEU D 94 17.96 -26.56 -3.23
CA LEU D 94 18.64 -27.84 -3.34
C LEU D 94 19.51 -28.17 -2.11
N ASN D 95 20.02 -27.14 -1.42
CA ASN D 95 20.83 -27.38 -0.23
C ASN D 95 20.09 -27.40 1.12
N GLU D 96 18.77 -27.34 1.08
CA GLU D 96 17.98 -27.39 2.31
C GLU D 96 17.78 -28.83 2.79
N ASP D 97 17.89 -29.02 4.10
CA ASP D 97 17.79 -30.36 4.67
C ASP D 97 16.40 -30.95 4.58
N GLU D 98 15.38 -30.13 4.81
CA GLU D 98 14.02 -30.64 4.86
C GLU D 98 13.56 -31.15 3.49
N LEU D 99 14.23 -30.70 2.44
CA LEU D 99 13.97 -31.15 1.07
C LEU D 99 14.89 -32.31 0.66
N ARG D 100 15.64 -32.84 1.63
CA ARG D 100 16.74 -33.78 1.42
C ARG D 100 16.45 -34.89 0.40
N ASN D 101 15.29 -35.53 0.54
CA ASN D 101 14.93 -36.70 -0.25
C ASN D 101 14.01 -36.44 -1.45
N ALA D 102 13.62 -35.18 -1.63
CA ALA D 102 12.59 -34.84 -2.62
C ALA D 102 13.03 -34.99 -4.07
N ALA D 103 12.09 -35.42 -4.91
CA ALA D 103 12.32 -35.53 -6.35
C ALA D 103 12.35 -34.16 -6.98
N TRP D 104 13.21 -33.96 -7.96
CA TRP D 104 13.30 -32.63 -8.53
C TRP D 104 12.83 -32.62 -9.97
N LEU D 105 11.64 -32.11 -10.18
CA LEU D 105 11.12 -31.98 -11.52
C LEU D 105 11.08 -30.50 -11.81
N VAL D 106 11.51 -30.10 -13.00
CA VAL D 106 11.44 -28.69 -13.33
C VAL D 106 10.79 -28.50 -14.68
N PHE D 107 9.76 -27.65 -14.68
CA PHE D 107 9.02 -27.33 -15.88
C PHE D 107 9.64 -26.12 -16.57
N ALA D 108 10.10 -26.29 -17.80
CA ALA D 108 10.47 -25.11 -18.56
C ALA D 108 9.20 -24.72 -19.31
N ASN D 109 8.57 -23.63 -18.87
CA ASN D 109 7.19 -23.39 -19.28
C ASN D 109 7.06 -22.26 -20.30
N LYS D 110 5.84 -22.07 -20.81
CA LYS D 110 5.58 -21.12 -21.89
C LYS D 110 6.38 -21.44 -23.15
N GLN D 111 6.57 -22.73 -23.41
CA GLN D 111 7.20 -23.21 -24.66
C GLN D 111 6.51 -22.71 -25.93
N ASP D 112 5.24 -22.31 -25.80
CA ASP D 112 4.44 -21.79 -26.91
C ASP D 112 4.92 -20.44 -27.45
N LEU D 113 5.66 -19.68 -26.65
CA LEU D 113 6.18 -18.39 -27.09
C LEU D 113 7.34 -18.56 -28.07
N PRO D 114 7.37 -17.73 -29.14
CA PRO D 114 8.29 -17.83 -30.28
C PRO D 114 9.78 -17.82 -29.95
N GLU D 115 10.18 -16.89 -29.10
CA GLU D 115 11.57 -16.76 -28.73
C GLU D 115 11.93 -17.46 -27.41
N ALA D 116 11.02 -18.30 -26.93
CA ALA D 116 11.24 -19.09 -25.73
C ALA D 116 12.59 -19.82 -25.79
N MET D 117 13.33 -19.79 -24.69
CA MET D 117 14.56 -20.58 -24.55
C MET D 117 14.23 -22.08 -24.62
N SER D 118 15.18 -22.88 -25.12
CA SER D 118 15.06 -24.34 -25.20
C SER D 118 15.12 -25.00 -23.83
N ALA D 119 14.70 -26.26 -23.71
CA ALA D 119 14.88 -27.00 -22.45
C ALA D 119 16.38 -27.21 -22.12
N ALA D 120 17.15 -27.48 -23.17
CA ALA D 120 18.60 -27.63 -23.06
C ALA D 120 19.25 -26.36 -22.51
N GLU D 121 18.92 -25.23 -23.14
CA GLU D 121 19.42 -23.93 -22.72
C GLU D 121 19.13 -23.68 -21.24
N ILE D 122 17.97 -24.14 -20.78
CA ILE D 122 17.57 -23.98 -19.39
C ILE D 122 18.45 -24.83 -18.46
N THR D 123 18.52 -26.13 -18.74
CA THR D 123 19.36 -27.04 -17.96
C THR D 123 20.78 -26.51 -17.85
N GLU D 124 21.34 -25.99 -18.94
CA GLU D 124 22.63 -25.30 -18.81
C GLU D 124 22.47 -24.17 -17.80
N LYS D 125 21.69 -23.14 -18.17
CA LYS D 125 21.54 -21.94 -17.35
C LYS D 125 21.17 -22.19 -15.90
N LEU D 126 20.30 -23.16 -15.64
CA LEU D 126 19.94 -23.46 -14.26
C LEU D 126 21.05 -24.25 -13.61
N GLY D 127 22.04 -24.63 -14.41
CA GLY D 127 23.12 -25.49 -13.95
C GLY D 127 22.57 -26.76 -13.33
N LEU D 128 21.75 -27.49 -14.09
CA LEU D 128 21.01 -28.62 -13.54
C LEU D 128 21.83 -29.89 -13.42
N HIS D 129 22.92 -29.97 -14.18
CA HIS D 129 23.79 -31.15 -14.18
C HIS D 129 24.59 -31.30 -12.88
N SER D 130 25.03 -30.16 -12.35
CA SER D 130 25.89 -30.06 -11.18
C SER D 130 25.30 -30.75 -9.95
N ILE D 131 24.06 -31.20 -10.04
CA ILE D 131 23.51 -31.97 -8.92
C ILE D 131 23.64 -33.48 -9.14
N ARG D 132 24.51 -34.11 -8.34
CA ARG D 132 24.71 -35.55 -8.40
C ARG D 132 23.92 -36.28 -7.32
N ASN D 133 23.27 -35.52 -6.45
CA ASN D 133 22.70 -36.03 -5.21
C ASN D 133 21.42 -36.87 -5.34
N ARG D 134 20.49 -36.41 -6.17
CA ARG D 134 19.11 -36.92 -6.21
C ARG D 134 18.59 -37.14 -7.65
N PRO D 135 17.34 -37.63 -7.77
CA PRO D 135 16.68 -37.72 -9.08
C PRO D 135 16.20 -36.36 -9.59
N TRP D 136 16.37 -36.08 -10.87
CA TRP D 136 15.88 -34.82 -11.43
C TRP D 136 15.56 -34.94 -12.91
N PHE D 137 14.53 -34.22 -13.33
CA PHE D 137 14.16 -34.19 -14.73
C PHE D 137 13.78 -32.79 -15.12
N ILE D 138 14.05 -32.42 -16.37
CA ILE D 138 13.51 -31.17 -16.89
C ILE D 138 12.50 -31.50 -17.97
N GLN D 139 11.38 -30.78 -17.97
CA GLN D 139 10.31 -31.03 -18.93
C GLN D 139 9.76 -29.76 -19.54
N ALA D 140 9.88 -29.66 -20.86
CA ALA D 140 9.28 -28.54 -21.57
C ALA D 140 7.75 -28.61 -21.44
N THR D 141 7.15 -27.53 -20.95
CA THR D 141 5.70 -27.48 -20.87
C THR D 141 5.13 -26.26 -21.58
N CYS D 142 3.86 -26.39 -21.95
CA CYS D 142 3.01 -25.25 -22.18
C CYS D 142 1.79 -25.52 -21.32
N ALA D 143 1.62 -24.73 -20.25
CA ALA D 143 0.59 -25.06 -19.28
C ALA D 143 -0.79 -24.65 -19.78
N THR D 144 -0.80 -23.83 -20.82
CA THR D 144 -2.05 -23.39 -21.40
C THR D 144 -2.60 -24.47 -22.35
N SER D 145 -1.70 -25.13 -23.08
CA SER D 145 -2.13 -26.25 -23.92
C SER D 145 -2.30 -27.55 -23.10
N GLY D 146 -1.44 -27.77 -22.12
CA GLY D 146 -1.43 -29.02 -21.37
C GLY D 146 -0.20 -29.83 -21.73
N GLU D 147 0.46 -29.41 -22.80
CA GLU D 147 1.66 -30.10 -23.25
C GLU D 147 2.74 -30.28 -22.15
N GLY D 148 3.17 -31.53 -21.97
CA GLY D 148 4.25 -31.84 -21.06
C GLY D 148 3.81 -31.97 -19.61
N LEU D 149 2.64 -31.45 -19.27
CA LEU D 149 2.26 -31.46 -17.87
C LEU D 149 2.23 -32.88 -17.36
N TYR D 150 1.38 -33.69 -17.99
CA TYR D 150 1.22 -35.11 -17.66
C TYR D 150 2.49 -35.96 -17.78
N GLU D 151 3.35 -35.65 -18.75
CA GLU D 151 4.64 -36.33 -18.86
C GLU D 151 5.40 -36.19 -17.54
N GLY D 152 5.50 -34.96 -17.07
CA GLY D 152 6.18 -34.69 -15.81
C GLY D 152 5.45 -35.31 -14.63
N LEU D 153 4.14 -35.33 -14.70
CA LEU D 153 3.37 -36.02 -13.67
C LEU D 153 3.77 -37.51 -13.60
N GLU D 154 4.00 -38.10 -14.77
CA GLU D 154 4.44 -39.50 -14.90
C GLU D 154 5.82 -39.67 -14.26
N TRP D 155 6.79 -38.90 -14.77
CA TRP D 155 8.13 -38.98 -14.23
C TRP D 155 8.03 -38.91 -12.72
N LEU D 156 7.16 -38.04 -12.24
CA LEU D 156 7.06 -37.80 -10.81
C LEU D 156 6.53 -39.03 -10.09
N SER D 157 5.64 -39.76 -10.77
CA SER D 157 4.96 -40.93 -10.19
C SER D 157 5.91 -42.10 -9.93
N ASN D 158 6.94 -42.21 -10.74
CA ASN D 158 7.96 -43.21 -10.50
C ASN D 158 9.19 -42.53 -9.91
N SER D 159 9.33 -42.64 -8.58
CA SER D 159 10.39 -41.96 -7.81
C SER D 159 10.32 -42.38 -6.34
N LYS E 24 -1.23 -27.49 27.82
CA LYS E 24 -0.97 -26.05 27.78
C LYS E 24 0.29 -25.69 26.97
N SER E 25 1.37 -26.42 27.19
CA SER E 25 2.40 -26.54 26.17
C SER E 25 1.97 -27.68 25.25
N ALA E 26 1.44 -28.73 25.88
CA ALA E 26 1.03 -29.97 25.23
C ALA E 26 0.04 -29.77 24.08
N VAL E 27 -0.67 -28.64 24.12
CA VAL E 27 -1.55 -28.23 23.03
C VAL E 27 -0.70 -27.97 21.79
N LEU E 28 0.25 -27.04 21.94
CA LEU E 28 1.19 -26.74 20.88
C LEU E 28 1.86 -28.01 20.39
N GLN E 29 1.99 -28.99 21.28
CA GLN E 29 2.52 -30.28 20.87
C GLN E 29 1.51 -30.93 19.92
N GLU E 30 0.25 -31.01 20.34
CA GLU E 30 -0.81 -31.61 19.54
C GLU E 30 -0.92 -30.98 18.15
N ALA E 31 -0.76 -29.66 18.12
CA ALA E 31 -0.93 -28.88 16.89
C ALA E 31 0.09 -29.24 15.79
N ARG E 32 1.06 -30.08 16.10
CA ARG E 32 2.00 -30.50 15.06
C ARG E 32 1.39 -31.59 14.19
N VAL E 33 0.25 -32.12 14.63
CA VAL E 33 -0.49 -33.09 13.81
C VAL E 33 -0.99 -32.45 12.51
N PHE E 34 -1.13 -31.12 12.57
CA PHE E 34 -1.64 -30.33 11.47
C PHE E 34 -0.87 -30.53 10.16
N ASN E 35 0.39 -30.97 10.26
CA ASN E 35 1.21 -31.18 9.07
C ASN E 35 1.07 -32.59 8.50
N GLU E 36 0.44 -33.47 9.27
CA GLU E 36 0.37 -34.89 8.91
C GLU E 36 -0.79 -35.15 7.96
N THR E 37 -0.52 -35.85 6.87
CA THR E 37 -1.36 -35.78 5.66
C THR E 37 -2.87 -36.07 5.83
N PRO E 38 -3.26 -37.28 6.27
CA PRO E 38 -4.72 -37.39 6.46
C PRO E 38 -5.17 -36.51 7.61
N ILE E 39 -6.18 -35.69 7.40
CA ILE E 39 -6.61 -34.75 8.42
C ILE E 39 -7.88 -35.23 9.11
N ASN E 40 -7.87 -35.27 10.44
CA ASN E 40 -9.12 -35.49 11.15
C ASN E 40 -9.70 -34.16 11.60
N PRO E 41 -10.75 -33.73 10.89
CA PRO E 41 -11.40 -32.43 11.09
C PRO E 41 -11.85 -32.20 12.54
N ARG E 42 -12.46 -33.21 13.15
CA ARG E 42 -12.99 -33.08 14.50
C ARG E 42 -11.87 -32.83 15.51
N LYS E 43 -10.82 -33.65 15.42
CA LYS E 43 -9.66 -33.53 16.29
C LYS E 43 -8.95 -32.19 16.12
N CYS E 44 -8.54 -31.89 14.89
CA CYS E 44 -7.80 -30.65 14.60
C CYS E 44 -8.59 -29.40 15.01
N ALA E 45 -9.88 -29.41 14.71
CA ALA E 45 -10.77 -28.32 15.07
C ALA E 45 -10.79 -28.18 16.59
N HIS E 46 -10.82 -29.31 17.29
CA HIS E 46 -10.81 -29.32 18.75
C HIS E 46 -9.52 -28.73 19.33
N ILE E 47 -8.40 -29.03 18.68
CA ILE E 47 -7.10 -28.48 19.07
C ILE E 47 -7.07 -26.98 18.88
N LEU E 48 -7.63 -26.53 17.76
CA LEU E 48 -7.78 -25.10 17.52
C LEU E 48 -8.61 -24.45 18.64
N THR E 49 -9.71 -25.11 19.02
CA THR E 49 -10.54 -24.64 20.12
C THR E 49 -9.69 -24.50 21.40
N LYS E 50 -8.80 -25.46 21.63
CA LYS E 50 -7.90 -25.41 22.77
C LYS E 50 -6.98 -24.19 22.73
N ILE E 51 -6.33 -23.99 21.58
CA ILE E 51 -5.50 -22.80 21.38
C ILE E 51 -6.28 -21.50 21.66
N LEU E 52 -7.50 -21.43 21.13
CA LEU E 52 -8.37 -20.27 21.30
C LEU E 52 -8.72 -20.00 22.75
N TYR E 53 -9.05 -21.06 23.48
CA TYR E 53 -9.36 -20.91 24.88
C TYR E 53 -8.13 -20.40 25.65
N LEU E 54 -7.00 -21.05 25.43
CA LEU E 54 -5.75 -20.55 26.01
C LEU E 54 -5.64 -19.06 25.80
N ILE E 55 -5.55 -18.66 24.54
CA ILE E 55 -5.32 -17.26 24.17
C ILE E 55 -6.36 -16.34 24.82
N ASN E 56 -7.57 -16.85 24.96
CA ASN E 56 -8.66 -16.04 25.51
C ASN E 56 -8.58 -15.95 27.02
N GLN E 57 -7.84 -16.88 27.63
CA GLN E 57 -7.64 -16.84 29.06
C GLN E 57 -6.52 -15.86 29.37
N GLY E 58 -5.83 -15.45 28.31
CA GLY E 58 -4.74 -14.50 28.43
C GLY E 58 -3.43 -15.25 28.36
N GLU E 59 -3.51 -16.57 28.19
CA GLU E 59 -2.30 -17.38 28.12
C GLU E 59 -1.37 -16.82 27.04
N HIS E 60 -0.14 -16.53 27.40
CA HIS E 60 0.76 -15.75 26.56
C HIS E 60 1.58 -16.61 25.62
N LEU E 61 1.73 -16.17 24.38
CA LEU E 61 2.45 -16.96 23.37
C LEU E 61 3.65 -16.23 22.80
N GLY E 62 4.75 -16.95 22.63
CA GLY E 62 5.97 -16.36 22.13
C GLY E 62 5.96 -16.34 20.62
N THR E 63 6.69 -15.39 20.03
CA THR E 63 6.70 -15.19 18.58
C THR E 63 6.90 -16.49 17.82
N THR E 64 7.99 -17.18 18.13
CA THR E 64 8.39 -18.37 17.38
C THR E 64 7.33 -19.48 17.43
N GLU E 65 6.80 -19.71 18.63
CA GLU E 65 5.81 -20.79 18.81
C GLU E 65 4.48 -20.48 18.13
N ALA E 66 3.99 -19.26 18.32
CA ALA E 66 2.77 -18.85 17.64
C ALA E 66 2.99 -19.00 16.15
N THR E 67 4.07 -18.43 15.63
CA THR E 67 4.38 -18.54 14.22
C THR E 67 4.33 -20.00 13.73
N GLU E 68 4.88 -20.90 14.53
CA GLU E 68 4.92 -22.31 14.12
C GLU E 68 3.50 -22.87 14.05
N ALA E 69 2.73 -22.60 15.09
CA ALA E 69 1.37 -23.12 15.16
C ALA E 69 0.50 -22.54 14.04
N PHE E 70 0.71 -21.26 13.74
CA PHE E 70 0.02 -20.56 12.68
C PHE E 70 0.28 -21.26 11.37
N PHE E 71 1.54 -21.36 10.97
CA PHE E 71 1.86 -21.99 9.70
C PHE E 71 1.42 -23.46 9.62
N ALA E 72 1.49 -24.15 10.74
CA ALA E 72 1.04 -25.53 10.81
C ALA E 72 -0.45 -25.56 10.45
N MET E 73 -1.21 -24.73 11.14
CA MET E 73 -2.64 -24.57 10.91
C MET E 73 -2.96 -24.22 9.46
N THR E 74 -2.09 -23.49 8.77
CA THR E 74 -2.35 -23.17 7.37
C THR E 74 -2.50 -24.47 6.57
N LYS E 75 -1.90 -25.55 7.05
CA LYS E 75 -1.95 -26.80 6.28
C LYS E 75 -3.36 -27.39 6.28
N LEU E 76 -4.17 -26.94 7.24
CA LEU E 76 -5.59 -27.34 7.36
C LEU E 76 -6.42 -26.85 6.19
N PHE E 77 -5.85 -25.98 5.38
CA PHE E 77 -6.59 -25.46 4.25
C PHE E 77 -6.80 -26.48 3.15
N GLN E 78 -6.21 -27.66 3.29
CA GLN E 78 -6.46 -28.73 2.34
C GLN E 78 -7.75 -29.50 2.66
N SER E 79 -8.36 -29.19 3.81
CA SER E 79 -9.60 -29.84 4.24
C SER E 79 -10.86 -29.00 4.00
N ASN E 80 -11.85 -29.63 3.36
CA ASN E 80 -13.10 -28.97 3.04
C ASN E 80 -14.13 -28.98 4.18
N ASP E 81 -13.76 -29.50 5.34
CA ASP E 81 -14.69 -29.48 6.47
C ASP E 81 -15.00 -28.04 6.86
N PRO E 82 -16.28 -27.64 6.73
CA PRO E 82 -16.76 -26.30 7.08
C PRO E 82 -16.37 -25.83 8.47
N THR E 83 -16.56 -26.70 9.46
CA THR E 83 -16.29 -26.36 10.86
C THR E 83 -14.80 -26.09 11.09
N LEU E 84 -13.96 -26.94 10.48
CA LEU E 84 -12.53 -26.70 10.49
C LEU E 84 -12.22 -25.33 9.88
N ARG E 85 -12.82 -25.01 8.73
CA ARG E 85 -12.55 -23.73 8.05
C ARG E 85 -12.94 -22.51 8.87
N ARG E 86 -14.13 -22.57 9.48
CA ARG E 86 -14.57 -21.50 10.36
C ARG E 86 -13.62 -21.34 11.56
N MET E 87 -13.18 -22.46 12.12
CA MET E 87 -12.23 -22.38 13.24
C MET E 87 -10.90 -21.77 12.79
N CYS E 88 -10.48 -22.08 11.56
CA CYS E 88 -9.30 -21.45 10.96
C CYS E 88 -9.44 -19.94 10.80
N TYR E 89 -10.61 -19.46 10.39
CA TYR E 89 -10.79 -18.02 10.30
C TYR E 89 -10.62 -17.43 11.70
N LEU E 90 -11.24 -18.07 12.68
CA LEU E 90 -11.23 -17.55 14.04
C LEU E 90 -9.80 -17.50 14.60
N THR E 91 -9.04 -18.54 14.29
CA THR E 91 -7.67 -18.63 14.76
C THR E 91 -6.81 -17.56 14.09
N ILE E 92 -6.84 -17.54 12.76
CA ILE E 92 -6.13 -16.52 11.99
C ILE E 92 -6.41 -15.14 12.58
N LYS E 93 -7.66 -14.87 12.92
CA LYS E 93 -7.98 -13.59 13.54
C LYS E 93 -7.24 -13.43 14.87
N GLU E 94 -7.37 -14.43 15.75
CA GLU E 94 -6.69 -14.40 17.04
C GLU E 94 -5.14 -14.34 17.00
N MET E 95 -4.51 -15.03 16.05
CA MET E 95 -3.05 -15.01 15.97
C MET E 95 -2.49 -13.88 15.10
N SER E 96 -3.38 -13.12 14.48
CA SER E 96 -2.98 -12.07 13.53
C SER E 96 -1.89 -11.14 14.05
N CYS E 97 -2.01 -10.73 15.31
CA CYS E 97 -1.10 -9.70 15.83
C CYS E 97 0.10 -10.25 16.60
N ILE E 98 0.19 -11.58 16.67
CA ILE E 98 1.29 -12.22 17.39
C ILE E 98 2.20 -13.08 16.48
N ALA E 99 1.63 -14.09 15.83
CA ALA E 99 2.40 -14.89 14.87
C ALA E 99 2.89 -13.99 13.75
N GLU E 100 3.93 -14.41 13.05
CA GLU E 100 4.50 -13.55 12.02
C GLU E 100 4.40 -14.17 10.65
N ASP E 101 4.39 -13.31 9.63
CA ASP E 101 4.18 -13.71 8.25
C ASP E 101 2.76 -14.25 7.98
N VAL E 102 1.80 -13.75 8.75
CA VAL E 102 0.39 -14.11 8.60
C VAL E 102 -0.13 -13.80 7.18
N ILE E 103 0.59 -12.95 6.46
CA ILE E 103 0.25 -12.58 5.09
C ILE E 103 0.05 -13.82 4.21
N ILE E 104 0.53 -14.97 4.67
CA ILE E 104 0.47 -16.17 3.85
C ILE E 104 -0.96 -16.65 3.54
N VAL E 105 -1.92 -16.35 4.42
CA VAL E 105 -3.32 -16.77 4.23
C VAL E 105 -4.15 -15.82 3.33
N THR E 106 -3.52 -14.73 2.89
CA THR E 106 -4.19 -13.75 2.01
C THR E 106 -4.92 -14.40 0.82
N SER E 107 -4.23 -15.26 0.08
CA SER E 107 -4.82 -15.84 -1.12
C SER E 107 -6.01 -16.73 -0.77
N SER E 108 -5.86 -17.58 0.23
CA SER E 108 -6.91 -18.52 0.56
C SER E 108 -8.18 -17.81 0.99
N LEU E 109 -8.02 -16.78 1.81
CA LEU E 109 -9.15 -15.96 2.23
C LEU E 109 -9.79 -15.24 1.02
N THR E 110 -8.97 -14.67 0.15
CA THR E 110 -9.51 -14.00 -1.03
C THR E 110 -10.35 -14.99 -1.85
N LYS E 111 -9.85 -16.21 -1.93
CA LYS E 111 -10.54 -17.22 -2.70
C LYS E 111 -11.88 -17.51 -2.03
N ASP E 112 -11.87 -17.60 -0.70
CA ASP E 112 -13.08 -17.92 0.05
C ASP E 112 -14.15 -16.84 0.05
N MET E 113 -13.77 -15.57 0.01
CA MET E 113 -14.73 -14.47 0.06
C MET E 113 -15.33 -14.21 -1.31
N THR E 114 -14.64 -14.67 -2.35
CA THR E 114 -15.15 -14.60 -3.71
C THR E 114 -15.79 -15.92 -4.16
N GLY E 115 -15.74 -16.94 -3.30
CA GLY E 115 -16.19 -18.27 -3.67
C GLY E 115 -17.70 -18.40 -3.81
N LYS E 116 -18.19 -19.63 -4.01
CA LYS E 116 -19.63 -19.87 -4.20
C LYS E 116 -20.47 -19.92 -2.91
N GLU E 117 -19.88 -20.40 -1.82
CA GLU E 117 -20.62 -20.68 -0.60
C GLU E 117 -20.64 -19.46 0.35
N ASP E 118 -21.82 -18.87 0.52
CA ASP E 118 -22.01 -17.60 1.24
C ASP E 118 -21.71 -17.64 2.74
N SER E 119 -21.88 -18.80 3.36
CA SER E 119 -21.61 -18.91 4.79
C SER E 119 -20.16 -18.59 5.11
N TYR E 120 -19.24 -18.92 4.20
CA TYR E 120 -17.83 -18.64 4.41
C TYR E 120 -17.45 -17.17 4.16
N ARG E 121 -18.23 -16.47 3.34
CA ARG E 121 -17.79 -15.19 2.76
C ARG E 121 -17.61 -14.04 3.74
N GLY E 122 -18.58 -13.83 4.63
CA GLY E 122 -18.49 -12.76 5.61
C GLY E 122 -17.33 -12.95 6.59
N PRO E 123 -17.33 -14.11 7.28
CA PRO E 123 -16.22 -14.37 8.18
C PRO E 123 -14.89 -14.32 7.44
N ALA E 124 -14.80 -14.89 6.25
CA ALA E 124 -13.54 -14.83 5.49
C ALA E 124 -13.01 -13.41 5.26
N VAL E 125 -13.86 -12.46 4.88
CA VAL E 125 -13.38 -11.11 4.63
C VAL E 125 -12.89 -10.43 5.92
N ARG E 126 -13.58 -10.71 7.02
CA ARG E 126 -13.15 -10.20 8.30
C ARG E 126 -11.71 -10.62 8.68
N ALA E 127 -11.42 -11.92 8.58
CA ALA E 127 -10.08 -12.46 8.69
C ALA E 127 -9.08 -11.78 7.74
N LEU E 128 -9.41 -11.79 6.44
CA LEU E 128 -8.53 -11.26 5.42
C LEU E 128 -8.05 -9.86 5.80
N CYS E 129 -8.98 -9.06 6.28
CA CYS E 129 -8.67 -7.70 6.68
C CYS E 129 -7.86 -7.53 7.97
N GLN E 130 -8.06 -8.43 8.93
CA GLN E 130 -7.23 -8.44 10.14
C GLN E 130 -5.76 -8.75 9.86
N ILE E 131 -5.53 -9.59 8.86
CA ILE E 131 -4.19 -10.02 8.47
C ILE E 131 -3.61 -9.17 7.34
N THR E 132 -4.33 -8.14 6.93
CA THR E 132 -3.86 -7.33 5.82
C THR E 132 -3.29 -5.98 6.26
N ASP E 133 -2.01 -5.73 5.95
CA ASP E 133 -1.43 -4.43 6.30
C ASP E 133 -1.68 -3.39 5.21
N SER E 134 -1.30 -2.15 5.50
CA SER E 134 -1.69 -1.01 4.68
C SER E 134 -0.95 -1.05 3.35
N THR E 135 0.23 -1.64 3.39
CA THR E 135 1.08 -1.71 2.23
C THR E 135 0.53 -2.68 1.20
N MET E 136 -0.19 -3.69 1.68
CA MET E 136 -0.76 -4.74 0.83
C MET E 136 -2.24 -4.50 0.46
N LEU E 137 -2.85 -3.46 1.01
CA LEU E 137 -4.31 -3.31 0.90
C LEU E 137 -4.86 -3.23 -0.52
N GLN E 138 -4.19 -2.49 -1.38
CA GLN E 138 -4.67 -2.26 -2.75
C GLN E 138 -4.83 -3.58 -3.53
N ALA E 139 -4.12 -4.61 -3.08
CA ALA E 139 -4.19 -5.91 -3.72
C ALA E 139 -5.56 -6.55 -3.52
N ILE E 140 -6.20 -6.30 -2.37
CA ILE E 140 -7.55 -6.78 -2.15
C ILE E 140 -8.65 -5.73 -2.35
N GLU E 141 -8.26 -4.51 -2.70
CA GLU E 141 -9.21 -3.40 -2.79
C GLU E 141 -10.44 -3.70 -3.66
N ARG E 142 -10.25 -4.33 -4.81
CA ARG E 142 -11.35 -4.62 -5.72
C ARG E 142 -12.40 -5.55 -5.13
N TYR E 143 -11.92 -6.61 -4.51
CA TYR E 143 -12.80 -7.58 -3.83
C TYR E 143 -13.53 -6.98 -2.63
N MET E 144 -12.86 -6.08 -1.91
CA MET E 144 -13.50 -5.34 -0.83
C MET E 144 -14.66 -4.52 -1.37
N LYS E 145 -14.37 -3.66 -2.35
CA LYS E 145 -15.40 -2.84 -2.96
C LYS E 145 -16.58 -3.70 -3.39
N GLN E 146 -16.30 -4.86 -3.97
CA GLN E 146 -17.37 -5.74 -4.40
C GLN E 146 -18.16 -6.34 -3.24
N ALA E 147 -17.50 -6.54 -2.10
CA ALA E 147 -18.14 -7.12 -0.92
C ALA E 147 -19.12 -6.15 -0.31
N ILE E 148 -18.70 -4.89 -0.24
CA ILE E 148 -19.52 -3.83 0.31
C ILE E 148 -20.90 -3.69 -0.33
N VAL E 149 -20.97 -3.82 -1.65
CA VAL E 149 -22.24 -3.66 -2.37
C VAL E 149 -22.94 -4.97 -2.68
N ASP E 150 -22.41 -6.06 -2.15
CA ASP E 150 -22.98 -7.40 -2.36
C ASP E 150 -24.39 -7.45 -1.79
N LYS E 151 -25.25 -8.24 -2.42
CA LYS E 151 -26.63 -8.34 -1.97
C LYS E 151 -26.78 -9.19 -0.69
N VAL E 152 -25.96 -10.23 -0.53
CA VAL E 152 -25.95 -10.98 0.73
C VAL E 152 -25.50 -10.10 1.91
N PRO E 153 -26.41 -9.83 2.86
CA PRO E 153 -26.19 -8.84 3.93
C PRO E 153 -25.01 -9.17 4.86
N SER E 154 -24.85 -10.44 5.24
CA SER E 154 -23.69 -10.84 6.05
C SER E 154 -22.39 -10.33 5.42
N VAL E 155 -22.21 -10.61 4.13
CA VAL E 155 -21.03 -10.15 3.38
C VAL E 155 -20.88 -8.62 3.41
N SER E 156 -21.94 -7.91 3.03
CA SER E 156 -21.94 -6.45 2.96
C SER E 156 -21.55 -5.82 4.28
N SER E 157 -22.11 -6.34 5.37
CA SER E 157 -21.81 -5.84 6.72
C SER E 157 -20.36 -6.13 7.13
N SER E 158 -19.95 -7.38 6.96
CA SER E 158 -18.59 -7.77 7.28
C SER E 158 -17.61 -6.83 6.58
N ALA E 159 -17.73 -6.73 5.27
CA ALA E 159 -16.87 -5.84 4.50
C ALA E 159 -16.91 -4.41 5.03
N LEU E 160 -18.12 -3.93 5.34
CA LEU E 160 -18.28 -2.59 5.89
C LEU E 160 -17.50 -2.34 7.20
N VAL E 161 -17.78 -3.13 8.22
CA VAL E 161 -17.11 -3.00 9.53
C VAL E 161 -15.60 -3.17 9.37
N SER E 162 -15.23 -4.10 8.49
CA SER E 162 -13.83 -4.33 8.13
C SER E 162 -13.16 -3.06 7.65
N SER E 163 -13.85 -2.33 6.76
CA SER E 163 -13.36 -1.06 6.24
C SER E 163 -13.26 -0.02 7.34
N LEU E 164 -14.21 -0.08 8.28
CA LEU E 164 -14.14 0.69 9.50
C LEU E 164 -12.77 0.51 10.15
N HIS E 165 -12.48 -0.73 10.56
CA HIS E 165 -11.22 -1.03 11.25
C HIS E 165 -10.00 -0.57 10.45
N LEU E 166 -10.15 -0.45 9.13
CA LEU E 166 -9.01 -0.15 8.28
C LEU E 166 -8.71 1.34 8.17
N LEU E 167 -9.51 2.17 8.85
CA LEU E 167 -9.31 3.61 8.78
C LEU E 167 -8.11 4.06 9.60
N LYS E 168 -7.85 3.40 10.73
CA LYS E 168 -6.76 3.81 11.61
C LYS E 168 -5.39 3.80 10.91
N CYS E 169 -5.31 3.16 9.75
CA CYS E 169 -4.04 3.07 9.02
C CYS E 169 -4.21 3.46 7.55
N SER E 170 -5.09 2.72 6.90
CA SER E 170 -5.32 2.77 5.46
C SER E 170 -6.38 3.79 4.99
N PHE E 171 -6.73 4.75 5.85
CA PHE E 171 -7.84 5.70 5.62
C PHE E 171 -7.91 6.29 4.20
N ASP E 172 -6.74 6.61 3.64
CA ASP E 172 -6.65 7.18 2.30
C ASP E 172 -7.16 6.24 1.21
N VAL E 173 -7.22 4.96 1.54
CA VAL E 173 -7.78 3.94 0.67
C VAL E 173 -9.29 3.88 0.85
N VAL E 174 -9.71 3.55 2.06
CA VAL E 174 -11.13 3.35 2.34
C VAL E 174 -11.97 4.55 1.95
N LYS E 175 -11.39 5.73 2.08
CA LYS E 175 -12.04 7.00 1.68
C LYS E 175 -12.59 6.96 0.24
N ARG E 176 -11.99 6.13 -0.62
CA ARG E 176 -12.43 5.99 -2.00
C ARG E 176 -13.65 5.07 -2.12
N TRP E 177 -13.97 4.35 -1.06
CA TRP E 177 -15.04 3.37 -1.18
C TRP E 177 -16.40 3.96 -0.85
N VAL E 178 -16.45 5.27 -0.62
CA VAL E 178 -17.71 5.89 -0.21
C VAL E 178 -18.88 5.60 -1.18
N ASN E 179 -18.65 5.56 -2.49
CA ASN E 179 -19.80 5.34 -3.38
C ASN E 179 -20.51 4.02 -3.15
N GLU E 180 -19.72 2.97 -2.90
CA GLU E 180 -20.26 1.65 -2.59
C GLU E 180 -20.92 1.64 -1.21
N ALA E 181 -20.26 2.31 -0.27
CA ALA E 181 -20.86 2.52 1.04
C ALA E 181 -22.27 3.11 0.88
N GLN E 182 -22.36 4.27 0.25
CA GLN E 182 -23.63 4.92 -0.08
C GLN E 182 -24.64 3.99 -0.74
N GLU E 183 -24.19 3.17 -1.68
CA GLU E 183 -25.11 2.20 -2.28
C GLU E 183 -25.70 1.24 -1.26
N ALA E 184 -24.87 0.65 -0.42
CA ALA E 184 -25.36 -0.30 0.58
C ALA E 184 -26.25 0.39 1.63
N ALA E 185 -26.01 1.69 1.81
CA ALA E 185 -26.77 2.50 2.76
C ALA E 185 -28.26 2.59 2.40
N SER E 186 -28.61 2.09 1.23
CA SER E 186 -30.00 2.09 0.77
C SER E 186 -30.66 0.80 1.23
N SER E 187 -29.85 -0.09 1.79
CA SER E 187 -30.26 -1.47 2.10
C SER E 187 -31.47 -1.62 3.05
N ASP E 188 -32.29 -2.66 2.79
CA ASP E 188 -33.41 -3.04 3.64
C ASP E 188 -32.92 -3.61 4.98
N ASN E 189 -31.75 -4.24 4.96
CA ASN E 189 -31.14 -4.87 6.13
C ASN E 189 -30.64 -3.89 7.20
N ILE E 190 -31.18 -4.05 8.41
CA ILE E 190 -30.93 -3.18 9.56
C ILE E 190 -29.44 -2.95 9.87
N MET E 191 -28.70 -4.04 9.98
CA MET E 191 -27.26 -3.97 10.18
C MET E 191 -26.53 -3.30 9.00
N VAL E 192 -26.74 -3.83 7.79
CA VAL E 192 -26.12 -3.24 6.60
C VAL E 192 -26.29 -1.72 6.61
N GLN E 193 -27.51 -1.27 6.89
CA GLN E 193 -27.75 0.16 6.85
C GLN E 193 -26.94 0.88 7.92
N TYR E 194 -26.93 0.28 9.11
CA TYR E 194 -26.19 0.82 10.25
C TYR E 194 -24.69 0.96 9.93
N HIS E 195 -24.11 -0.12 9.45
CA HIS E 195 -22.69 -0.17 9.12
C HIS E 195 -22.32 0.79 7.99
N ALA E 196 -23.12 0.80 6.93
CA ALA E 196 -22.90 1.65 5.78
C ALA E 196 -22.89 3.13 6.19
N LEU E 197 -23.98 3.54 6.84
CA LEU E 197 -24.10 4.92 7.30
C LEU E 197 -23.03 5.27 8.33
N GLY E 198 -22.64 4.25 9.10
CA GLY E 198 -21.63 4.41 10.13
C GLY E 198 -20.30 4.73 9.49
N LEU E 199 -19.94 3.92 8.51
CA LEU E 199 -18.67 4.02 7.80
C LEU E 199 -18.59 5.33 7.06
N LEU E 200 -19.68 5.67 6.39
CA LEU E 200 -19.82 6.97 5.73
C LEU E 200 -19.57 8.14 6.70
N TYR E 201 -20.19 8.10 7.88
CA TYR E 201 -19.93 9.13 8.88
C TYR E 201 -18.48 9.13 9.37
N HIS E 202 -17.95 7.96 9.68
CA HIS E 202 -16.58 7.80 10.11
C HIS E 202 -15.58 8.39 9.11
N VAL E 203 -15.90 8.34 7.82
CA VAL E 203 -15.04 8.97 6.81
C VAL E 203 -15.25 10.47 6.67
N ARG E 204 -16.52 10.85 6.55
CA ARG E 204 -16.93 12.23 6.28
C ARG E 204 -16.80 13.20 7.47
N LYS E 205 -16.75 12.69 8.70
CA LYS E 205 -16.66 13.59 9.86
C LYS E 205 -15.42 14.45 9.67
N ASN E 206 -15.48 15.69 10.15
CA ASN E 206 -14.45 16.69 9.90
C ASN E 206 -14.71 17.39 8.57
N ASP E 207 -15.70 16.89 7.83
CA ASP E 207 -16.27 17.62 6.70
C ASP E 207 -17.74 17.97 6.96
N ARG E 208 -17.98 19.24 7.25
CA ARG E 208 -19.27 19.70 7.75
C ARG E 208 -20.29 19.76 6.62
N LEU E 209 -19.82 20.07 5.42
CA LEU E 209 -20.68 20.04 4.24
C LEU E 209 -21.23 18.64 4.01
N ALA E 210 -20.35 17.64 4.07
CA ALA E 210 -20.71 16.25 3.85
C ALA E 210 -21.61 15.67 4.98
N VAL E 211 -21.23 15.91 6.22
CA VAL E 211 -22.09 15.50 7.34
C VAL E 211 -23.49 16.15 7.22
N SER E 212 -23.50 17.43 6.92
CA SER E 212 -24.75 18.16 6.79
C SER E 212 -25.59 17.68 5.63
N LYS E 213 -24.95 17.19 4.57
CA LYS E 213 -25.70 16.54 3.50
C LYS E 213 -26.32 15.23 4.00
N MET E 214 -25.51 14.42 4.70
CA MET E 214 -26.00 13.17 5.28
C MET E 214 -27.28 13.44 6.07
N ILE E 215 -27.22 14.51 6.87
CA ILE E 215 -28.36 14.93 7.68
C ILE E 215 -29.54 15.36 6.81
N SER E 216 -29.28 16.24 5.84
CA SER E 216 -30.29 16.70 4.90
C SER E 216 -31.09 15.47 4.42
N LYS E 217 -30.35 14.46 3.96
CA LYS E 217 -30.93 13.23 3.40
C LYS E 217 -31.75 12.43 4.39
N PHE E 218 -31.16 12.06 5.52
CA PHE E 218 -31.85 11.15 6.44
C PHE E 218 -32.91 11.81 7.33
N THR E 219 -32.92 13.14 7.33
CA THR E 219 -33.97 13.91 7.98
C THR E 219 -35.18 13.80 7.08
N ARG E 220 -34.91 13.78 5.78
CA ARG E 220 -35.96 13.65 4.77
C ARG E 220 -36.73 12.35 4.99
N HIS E 221 -36.08 11.23 4.71
CA HIS E 221 -36.69 9.94 4.98
C HIS E 221 -36.18 9.32 6.27
N GLY E 222 -37.11 8.78 7.04
CA GLY E 222 -36.72 7.88 8.12
C GLY E 222 -36.02 6.67 7.53
N LEU E 223 -34.84 6.37 8.05
CA LEU E 223 -34.10 5.22 7.61
C LEU E 223 -34.92 4.02 8.08
N LYS E 224 -34.52 2.79 7.76
CA LYS E 224 -35.27 1.65 8.30
C LYS E 224 -34.61 1.02 9.55
N SER E 225 -33.45 1.55 9.93
CA SER E 225 -32.64 0.94 10.98
C SER E 225 -32.64 1.73 12.29
N PRO E 226 -33.09 1.08 13.39
CA PRO E 226 -32.97 1.59 14.75
C PRO E 226 -31.53 2.00 15.12
N PHE E 227 -30.55 1.20 14.71
CA PHE E 227 -29.14 1.51 14.99
C PHE E 227 -28.65 2.70 14.16
N ALA E 228 -29.01 2.69 12.88
CA ALA E 228 -28.68 3.80 12.02
C ALA E 228 -29.17 5.12 12.60
N TYR E 229 -30.43 5.09 13.01
CA TYR E 229 -31.09 6.24 13.62
C TYR E 229 -30.32 6.71 14.85
N CYS E 230 -30.31 5.86 15.88
CA CYS E 230 -29.68 6.23 17.14
C CYS E 230 -28.41 6.95 16.72
N MET E 231 -27.59 6.28 15.89
CA MET E 231 -26.28 6.83 15.53
C MET E 231 -26.33 8.16 14.81
N MET E 232 -27.29 8.30 13.91
CA MET E 232 -27.46 9.53 13.15
C MET E 232 -27.91 10.65 14.08
N ILE E 233 -28.92 10.34 14.90
CA ILE E 233 -29.38 11.19 15.99
C ILE E 233 -28.23 11.74 16.82
N ARG E 234 -27.27 10.88 17.14
CA ARG E 234 -26.05 11.29 17.85
C ARG E 234 -25.15 12.15 16.95
N VAL E 235 -25.18 11.90 15.65
CA VAL E 235 -24.46 12.78 14.71
C VAL E 235 -25.19 14.12 14.65
N ALA E 236 -26.51 14.02 14.53
CA ALA E 236 -27.40 15.18 14.43
C ALA E 236 -27.46 15.93 15.77
N SER E 237 -27.02 15.25 16.82
CA SER E 237 -26.86 15.89 18.10
C SER E 237 -25.76 16.95 18.03
N ARG E 238 -24.72 16.72 17.22
CA ARG E 238 -23.67 17.70 17.11
C ARG E 238 -24.31 19.02 16.70
N GLN E 239 -24.15 20.01 17.58
CA GLN E 239 -25.02 21.19 17.68
C GLN E 239 -25.86 21.52 16.45
N SER E 257 -34.68 15.51 13.67
CA SER E 257 -34.80 14.99 15.04
C SER E 257 -36.25 14.95 15.52
N CYS E 258 -36.64 13.84 16.15
CA CYS E 258 -38.02 13.62 16.59
C CYS E 258 -38.25 12.31 17.37
N LEU E 259 -39.26 12.30 18.23
CA LEU E 259 -39.50 11.19 19.16
C LEU E 259 -40.65 10.28 18.72
N ARG E 260 -40.96 10.34 17.43
CA ARG E 260 -41.99 9.54 16.78
C ARG E 260 -41.85 8.01 16.80
N ASN E 261 -40.60 7.53 16.73
CA ASN E 261 -40.32 6.19 16.22
C ASN E 261 -41.09 5.06 16.89
N LYS E 262 -41.40 4.02 16.11
CA LYS E 262 -41.97 2.79 16.64
C LYS E 262 -40.94 1.99 17.44
N HIS E 263 -39.68 2.43 17.41
CA HIS E 263 -38.57 1.74 18.09
C HIS E 263 -38.08 2.43 19.37
N GLU E 264 -38.26 1.71 20.47
CA GLU E 264 -38.00 2.20 21.82
C GLU E 264 -36.62 2.83 21.99
N MET E 265 -35.58 2.13 21.56
CA MET E 265 -34.22 2.64 21.73
C MET E 265 -34.03 3.95 20.97
N VAL E 266 -34.82 4.13 19.91
CA VAL E 266 -34.68 5.33 19.11
C VAL E 266 -35.34 6.49 19.85
N VAL E 267 -36.55 6.25 20.35
CA VAL E 267 -37.28 7.28 21.08
C VAL E 267 -36.48 7.71 22.30
N TYR E 268 -35.91 6.71 22.99
CA TYR E 268 -34.99 6.98 24.08
C TYR E 268 -33.85 7.89 23.62
N GLU E 269 -33.01 7.41 22.71
CA GLU E 269 -31.83 8.13 22.24
C GLU E 269 -32.12 9.59 21.87
N ALA E 270 -33.25 9.80 21.23
CA ALA E 270 -33.69 11.15 20.90
C ALA E 270 -33.96 11.92 22.19
N ALA E 271 -34.87 11.36 22.99
CA ALA E 271 -35.29 11.90 24.29
C ALA E 271 -34.12 12.28 25.20
N SER E 272 -33.10 11.45 25.27
CA SER E 272 -31.95 11.77 26.09
C SER E 272 -31.12 12.86 25.44
N ALA E 273 -30.81 12.68 24.16
CA ALA E 273 -29.83 13.51 23.48
C ALA E 273 -30.29 14.95 23.29
N ILE E 274 -31.59 15.18 23.39
CA ILE E 274 -32.19 16.50 23.16
C ILE E 274 -31.56 17.60 24.04
N VAL E 275 -30.85 17.19 25.09
CA VAL E 275 -30.43 18.07 26.19
C VAL E 275 -29.29 19.09 25.94
N ASN E 276 -29.65 20.37 26.08
CA ASN E 276 -28.71 21.49 26.15
C ASN E 276 -29.47 22.83 26.13
N ALA E 288 -40.36 24.16 25.86
CA ALA E 288 -39.53 23.60 24.79
C ALA E 288 -39.41 22.07 24.86
N VAL E 289 -38.57 21.59 25.78
CA VAL E 289 -38.38 20.16 25.99
C VAL E 289 -39.67 19.48 26.50
N SER E 290 -39.87 18.20 26.18
CA SER E 290 -41.14 17.52 26.43
C SER E 290 -41.11 16.65 27.69
N VAL E 291 -40.23 15.64 27.69
CA VAL E 291 -39.89 14.83 28.87
C VAL E 291 -40.96 13.84 29.33
N LEU E 292 -42.17 13.93 28.78
CA LEU E 292 -43.22 12.96 29.06
C LEU E 292 -42.89 11.52 28.68
N GLN E 293 -42.05 11.38 27.67
CA GLN E 293 -41.58 10.06 27.23
C GLN E 293 -40.70 9.28 28.22
N LEU E 294 -39.63 9.95 28.67
CA LEU E 294 -38.76 9.38 29.69
C LEU E 294 -39.65 9.09 30.91
N PHE E 295 -40.58 10.01 31.19
CA PHE E 295 -41.59 9.79 32.22
C PHE E 295 -42.25 8.43 32.03
N CYS E 296 -43.00 8.29 30.94
CA CYS E 296 -43.76 7.07 30.69
C CYS E 296 -42.83 5.88 30.37
N SER E 297 -41.55 6.18 30.14
CA SER E 297 -40.56 5.14 29.91
C SER E 297 -40.36 4.27 31.16
N SER E 298 -40.55 4.89 32.32
CA SER E 298 -40.26 4.27 33.61
C SER E 298 -41.00 2.97 33.93
N PRO E 299 -42.27 2.83 33.49
CA PRO E 299 -42.90 1.51 33.65
C PRO E 299 -42.57 0.47 32.58
N LYS E 300 -41.39 -0.14 32.66
CA LYS E 300 -41.12 -1.44 32.04
C LYS E 300 -39.65 -1.89 32.15
N ALA E 301 -39.41 -3.19 31.98
CA ALA E 301 -38.19 -3.86 32.47
C ALA E 301 -36.87 -3.38 31.88
N ALA E 302 -35.91 -3.08 32.76
CA ALA E 302 -34.57 -2.70 32.34
C ALA E 302 -34.53 -1.26 31.84
N LEU E 303 -35.55 -0.85 31.09
CA LEU E 303 -35.57 0.51 30.55
C LEU E 303 -35.69 1.47 31.73
N ARG E 304 -36.18 0.92 32.84
CA ARG E 304 -36.43 1.65 34.08
C ARG E 304 -35.18 2.45 34.43
N TYR E 305 -34.06 1.74 34.53
CA TYR E 305 -32.76 2.34 34.79
C TYR E 305 -32.46 3.55 33.87
N ALA E 306 -32.29 3.25 32.58
CA ALA E 306 -31.93 4.26 31.59
C ALA E 306 -32.81 5.51 31.69
N ALA E 307 -34.12 5.30 31.74
CA ALA E 307 -35.07 6.40 31.89
C ALA E 307 -34.82 7.20 33.18
N VAL E 308 -34.73 6.49 34.31
CA VAL E 308 -34.52 7.12 35.62
C VAL E 308 -33.28 8.03 35.68
N ARG E 309 -32.17 7.54 35.15
CA ARG E 309 -30.88 8.25 35.26
C ARG E 309 -30.88 9.59 34.59
N THR E 310 -31.95 9.88 33.87
CA THR E 310 -31.95 11.08 33.06
C THR E 310 -32.53 12.19 33.93
N LEU E 311 -31.66 13.12 34.33
CA LEU E 311 -31.89 14.02 35.46
C LEU E 311 -31.64 15.50 35.13
N GLU F 7 -18.21 12.26 20.65
CA GLU F 7 -18.22 11.88 19.24
C GLU F 7 -18.92 10.53 19.03
N PRO F 8 -19.95 10.53 18.17
CA PRO F 8 -20.69 9.32 17.81
C PRO F 8 -19.81 8.34 17.03
N SER F 9 -20.05 7.04 17.21
CA SER F 9 -19.20 6.04 16.60
C SER F 9 -19.85 4.66 16.51
N LEU F 10 -19.30 3.81 15.66
CA LEU F 10 -19.81 2.45 15.49
C LEU F 10 -19.26 1.52 16.57
N TYR F 11 -18.20 2.01 17.22
CA TYR F 11 -17.58 1.32 18.34
C TYR F 11 -18.36 1.65 19.61
N THR F 12 -19.03 0.64 20.14
CA THR F 12 -19.97 0.82 21.23
C THR F 12 -19.59 -0.08 22.41
N VAL F 13 -19.56 -1.39 22.15
CA VAL F 13 -19.20 -2.38 23.14
C VAL F 13 -17.74 -2.26 23.60
N LYS F 14 -17.57 -2.05 24.91
CA LYS F 14 -16.26 -1.92 25.55
C LYS F 14 -15.64 -3.30 25.81
N ALA F 15 -16.49 -4.28 26.14
CA ALA F 15 -16.05 -5.67 26.30
C ALA F 15 -17.21 -6.63 26.56
N ILE F 16 -16.92 -7.93 26.47
CA ILE F 16 -17.91 -8.96 26.74
C ILE F 16 -17.31 -10.02 27.65
N LEU F 17 -17.96 -10.30 28.78
CA LEU F 17 -17.49 -11.32 29.72
C LEU F 17 -18.56 -12.36 30.00
N ILE F 18 -18.15 -13.63 30.06
CA ILE F 18 -18.98 -14.67 30.65
C ILE F 18 -18.21 -15.25 31.84
N LEU F 19 -18.81 -15.16 33.02
CA LEU F 19 -18.12 -15.50 34.26
C LEU F 19 -18.54 -16.84 34.89
N ASP F 20 -17.59 -17.42 35.60
CA ASP F 20 -17.68 -18.72 36.28
C ASP F 20 -18.68 -18.70 37.45
N ASN F 21 -19.14 -19.88 37.87
CA ASN F 21 -20.01 -19.96 39.03
C ASN F 21 -19.27 -19.32 40.21
N ASP F 22 -17.98 -19.64 40.29
CA ASP F 22 -17.07 -19.05 41.23
C ASP F 22 -16.78 -17.59 40.86
N GLY F 23 -16.91 -17.27 39.57
CA GLY F 23 -16.71 -15.92 39.09
C GLY F 23 -15.38 -15.66 38.39
N ASP F 24 -14.66 -16.72 38.06
CA ASP F 24 -13.43 -16.60 37.28
C ASP F 24 -13.80 -16.36 35.83
N ARG F 25 -12.82 -16.33 34.94
CA ARG F 25 -13.15 -16.03 33.55
C ARG F 25 -13.40 -17.27 32.69
N LEU F 26 -14.66 -17.47 32.30
CA LEU F 26 -15.01 -18.49 31.29
C LEU F 26 -14.81 -17.95 29.87
N PHE F 27 -15.21 -16.70 29.65
CA PHE F 27 -14.99 -16.05 28.36
C PHE F 27 -14.75 -14.55 28.54
N ALA F 28 -13.81 -13.99 27.77
CA ALA F 28 -13.63 -12.53 27.76
C ALA F 28 -13.13 -11.95 26.44
N LYS F 29 -13.64 -10.77 26.09
CA LYS F 29 -13.14 -10.01 24.96
C LYS F 29 -13.12 -8.52 25.32
N TYR F 30 -11.97 -7.89 25.14
CA TYR F 30 -11.80 -6.49 25.49
C TYR F 30 -11.50 -5.69 24.24
N TYR F 31 -12.41 -4.78 23.92
CA TYR F 31 -12.41 -4.15 22.62
C TYR F 31 -11.65 -2.82 22.57
N ASP F 32 -11.19 -2.37 23.73
CA ASP F 32 -10.53 -1.06 23.82
C ASP F 32 -9.25 -1.11 24.65
N ASP F 33 -8.62 0.04 24.79
CA ASP F 33 -7.33 0.13 25.49
C ASP F 33 -7.44 0.41 27.00
N THR F 34 -8.67 0.45 27.52
CA THR F 34 -8.89 0.77 28.93
C THR F 34 -8.23 -0.20 29.92
N TYR F 35 -8.30 -1.50 29.64
CA TYR F 35 -7.76 -2.54 30.54
C TYR F 35 -6.71 -3.41 29.89
N PRO F 36 -5.53 -2.82 29.62
CA PRO F 36 -4.52 -3.32 28.68
C PRO F 36 -3.89 -4.68 29.03
N SER F 37 -3.84 -5.04 30.32
CA SER F 37 -3.17 -6.28 30.74
C SER F 37 -4.11 -7.23 31.49
N VAL F 38 -3.93 -8.54 31.26
CA VAL F 38 -4.85 -9.55 31.80
C VAL F 38 -5.14 -9.38 33.29
N LYS F 39 -4.12 -9.07 34.07
CA LYS F 39 -4.29 -8.83 35.49
C LYS F 39 -5.46 -7.88 35.77
N GLU F 40 -5.33 -6.65 35.29
CA GLU F 40 -6.38 -5.65 35.39
C GLU F 40 -7.74 -6.22 34.98
N GLN F 41 -7.74 -7.04 33.93
CA GLN F 41 -8.98 -7.58 33.38
C GLN F 41 -9.67 -8.50 34.37
N LYS F 42 -8.93 -9.47 34.93
CA LYS F 42 -9.50 -10.44 35.87
C LYS F 42 -9.85 -9.76 37.21
N ALA F 43 -9.06 -8.74 37.55
CA ALA F 43 -9.40 -7.81 38.62
C ALA F 43 -10.82 -7.30 38.41
N PHE F 44 -11.00 -6.58 37.31
CA PHE F 44 -12.27 -6.01 36.89
C PHE F 44 -13.41 -7.03 36.99
N GLU F 45 -13.16 -8.21 36.44
CA GLU F 45 -14.15 -9.30 36.44
C GLU F 45 -14.57 -9.69 37.84
N LYS F 46 -13.61 -9.80 38.77
CA LYS F 46 -13.95 -10.04 40.18
C LYS F 46 -14.81 -8.90 40.75
N ASN F 47 -14.26 -7.69 40.66
CA ASN F 47 -14.88 -6.47 41.18
C ASN F 47 -16.37 -6.35 40.81
N ILE F 48 -16.67 -6.61 39.54
CA ILE F 48 -18.05 -6.63 39.07
C ILE F 48 -18.79 -7.91 39.49
N PHE F 49 -18.03 -8.99 39.64
CA PHE F 49 -18.61 -10.29 39.94
C PHE F 49 -19.29 -10.32 41.31
N ASN F 50 -18.73 -9.64 42.29
CA ASN F 50 -19.36 -9.56 43.61
C ASN F 50 -20.69 -8.80 43.56
N LYS F 51 -20.64 -7.57 43.07
CA LYS F 51 -21.80 -6.69 43.00
C LYS F 51 -22.95 -7.30 42.20
N THR F 52 -22.63 -8.01 41.12
CA THR F 52 -23.67 -8.63 40.30
C THR F 52 -24.27 -9.88 40.95
N HIS F 53 -23.47 -10.53 41.80
CA HIS F 53 -23.83 -11.84 42.35
C HIS F 53 -25.01 -11.82 43.31
N ARG F 54 -25.83 -12.86 43.21
CA ARG F 54 -27.07 -12.96 43.99
C ARG F 54 -28.08 -11.88 43.58
N THR F 55 -27.64 -10.94 42.76
CA THR F 55 -28.46 -9.78 42.42
C THR F 55 -29.32 -10.01 41.18
N ASP F 56 -30.18 -9.04 40.88
CA ASP F 56 -31.20 -9.19 39.83
C ASP F 56 -31.20 -8.06 38.78
N SER F 57 -31.37 -6.81 39.24
CA SER F 57 -31.51 -5.67 38.32
C SER F 57 -30.37 -5.67 37.31
N GLU F 58 -30.72 -5.67 36.02
CA GLU F 58 -29.80 -6.08 34.98
C GLU F 58 -28.75 -5.04 34.58
N ILE F 59 -28.94 -3.81 35.01
CA ILE F 59 -28.03 -2.75 34.62
C ILE F 59 -27.39 -2.14 35.85
N ALA F 60 -26.28 -1.43 35.67
CA ALA F 60 -25.51 -0.91 36.79
C ALA F 60 -24.38 -0.01 36.30
N LEU F 61 -23.73 0.69 37.23
CA LEU F 61 -22.61 1.56 36.87
C LEU F 61 -21.38 1.27 37.73
N LEU F 62 -20.31 0.82 37.08
CA LEU F 62 -19.11 0.39 37.79
C LEU F 62 -17.84 0.98 37.18
N GLU F 63 -17.05 1.66 38.00
CA GLU F 63 -15.81 2.27 37.53
C GLU F 63 -16.05 3.23 36.37
N GLY F 64 -17.25 3.81 36.34
CA GLY F 64 -17.59 4.81 35.34
C GLY F 64 -18.03 4.23 34.01
N LEU F 65 -18.61 3.04 34.06
CA LEU F 65 -18.99 2.30 32.86
C LEU F 65 -20.36 1.66 33.05
N THR F 66 -21.27 1.89 32.10
CA THR F 66 -22.51 1.13 32.09
C THR F 66 -22.14 -0.37 32.06
N VAL F 67 -22.89 -1.17 32.81
CA VAL F 67 -22.67 -2.60 32.83
C VAL F 67 -24.01 -3.28 32.80
N VAL F 68 -24.18 -4.19 31.86
CA VAL F 68 -25.44 -4.89 31.74
C VAL F 68 -25.16 -6.38 31.88
N TYR F 69 -25.98 -7.06 32.67
CA TYR F 69 -25.79 -8.49 32.92
C TYR F 69 -27.08 -9.28 32.94
N LYS F 70 -26.95 -10.60 32.85
CA LYS F 70 -28.08 -11.50 32.94
C LYS F 70 -27.60 -12.82 33.54
N SER F 71 -28.52 -13.51 34.22
CA SER F 71 -28.16 -14.59 35.13
C SER F 71 -28.56 -15.99 34.67
N SER F 72 -27.75 -16.96 35.07
CA SER F 72 -28.03 -18.36 34.82
C SER F 72 -27.87 -19.07 36.16
N ILE F 73 -28.27 -20.33 36.24
CA ILE F 73 -27.98 -21.10 37.45
C ILE F 73 -26.52 -20.79 37.79
N ASP F 74 -25.65 -21.19 36.88
CA ASP F 74 -24.20 -21.07 37.06
C ASP F 74 -23.63 -19.77 36.46
N LEU F 75 -23.63 -19.72 35.13
CA LEU F 75 -22.90 -18.72 34.34
C LEU F 75 -23.52 -17.34 34.45
N TYR F 76 -22.69 -16.31 34.46
CA TYR F 76 -23.21 -14.95 34.51
C TYR F 76 -22.71 -14.11 33.32
N PHE F 77 -23.65 -13.52 32.58
CA PHE F 77 -23.34 -12.85 31.31
C PHE F 77 -23.26 -11.34 31.42
N TYR F 78 -22.21 -10.76 30.85
CA TYR F 78 -21.98 -9.32 30.94
C TYR F 78 -21.60 -8.70 29.59
N VAL F 79 -22.37 -7.70 29.17
CA VAL F 79 -21.93 -6.78 28.13
C VAL F 79 -21.55 -5.45 28.80
N ILE F 80 -20.36 -4.94 28.47
CA ILE F 80 -19.85 -3.71 29.07
C ILE F 80 -19.58 -2.64 28.02
N GLY F 81 -20.04 -1.42 28.30
CA GLY F 81 -19.84 -0.28 27.43
C GLY F 81 -19.85 1.00 28.25
N SER F 82 -19.47 2.12 27.63
CA SER F 82 -19.37 3.39 28.35
C SER F 82 -20.73 3.90 28.80
N SER F 83 -20.71 4.78 29.81
CA SER F 83 -21.92 5.41 30.36
C SER F 83 -22.64 6.26 29.31
N TYR F 84 -21.86 6.82 28.38
CA TYR F 84 -22.34 7.65 27.28
C TYR F 84 -23.18 6.86 26.27
N GLU F 85 -23.21 5.54 26.41
CA GLU F 85 -23.83 4.66 25.43
C GLU F 85 -25.29 4.33 25.71
N ASN F 86 -26.11 4.35 24.66
CA ASN F 86 -27.50 3.94 24.73
C ASN F 86 -27.62 2.53 25.30
N GLU F 87 -28.33 2.40 26.41
CA GLU F 87 -28.31 1.18 27.22
C GLU F 87 -29.04 0.00 26.57
N LEU F 88 -30.09 0.27 25.80
CA LEU F 88 -30.83 -0.82 25.19
C LEU F 88 -30.08 -1.36 23.97
N MET F 89 -29.09 -0.60 23.48
CA MET F 89 -28.20 -1.13 22.45
C MET F 89 -27.37 -2.29 23.05
N LEU F 90 -26.74 -2.02 24.18
CA LEU F 90 -26.04 -3.04 24.97
C LEU F 90 -26.98 -4.18 25.31
N MET F 91 -28.14 -3.85 25.85
CA MET F 91 -29.11 -4.87 26.22
C MET F 91 -29.50 -5.75 25.03
N THR F 92 -29.41 -5.20 23.81
CA THR F 92 -29.65 -5.97 22.59
C THR F 92 -28.51 -6.92 22.31
N VAL F 93 -27.30 -6.44 22.58
CA VAL F 93 -26.09 -7.27 22.46
C VAL F 93 -26.25 -8.49 23.37
N LEU F 94 -26.35 -8.24 24.67
CA LEU F 94 -26.56 -9.27 25.69
C LEU F 94 -27.71 -10.23 25.35
N ASN F 95 -28.88 -9.68 25.06
CA ASN F 95 -30.00 -10.52 24.66
C ASN F 95 -29.59 -11.39 23.49
N CYS F 96 -28.85 -10.80 22.57
CA CYS F 96 -28.48 -11.52 21.34
C CYS F 96 -27.59 -12.70 21.66
N LEU F 97 -26.55 -12.48 22.47
CA LEU F 97 -25.63 -13.55 22.91
C LEU F 97 -26.37 -14.67 23.67
N PHE F 98 -27.08 -14.27 24.71
CA PHE F 98 -27.83 -15.22 25.53
C PHE F 98 -28.80 -16.05 24.70
N ASP F 99 -29.70 -15.37 23.99
CA ASP F 99 -30.70 -16.01 23.15
C ASP F 99 -30.06 -16.90 22.08
N SER F 100 -28.90 -16.44 21.59
CA SER F 100 -28.19 -17.15 20.54
C SER F 100 -27.74 -18.50 21.05
N LEU F 101 -27.08 -18.48 22.21
CA LEU F 101 -26.62 -19.72 22.82
C LEU F 101 -27.80 -20.64 23.17
N SER F 102 -28.84 -20.06 23.79
CA SER F 102 -30.00 -20.84 24.19
C SER F 102 -30.66 -21.55 23.00
N GLN F 103 -30.66 -20.87 21.85
CA GLN F 103 -31.25 -21.42 20.64
C GLN F 103 -30.30 -22.43 19.98
N MET F 104 -29.01 -22.25 20.22
CA MET F 104 -27.98 -23.08 19.58
C MET F 104 -27.85 -24.41 20.31
N LEU F 105 -27.33 -24.36 21.54
CA LEU F 105 -27.46 -25.49 22.46
C LEU F 105 -28.91 -25.47 22.92
N ARG F 106 -29.64 -26.56 22.71
CA ARG F 106 -31.09 -26.54 22.90
C ARG F 106 -31.52 -26.47 24.37
N LYS F 107 -30.76 -27.12 25.25
CA LYS F 107 -31.06 -27.10 26.68
C LYS F 107 -30.74 -25.73 27.27
N ASN F 108 -30.92 -25.58 28.58
CA ASN F 108 -30.65 -24.29 29.20
C ASN F 108 -29.14 -24.01 29.22
N VAL F 109 -28.76 -22.86 29.76
CA VAL F 109 -27.40 -22.37 29.63
C VAL F 109 -26.60 -22.36 30.94
N GLU F 110 -25.62 -23.27 31.03
CA GLU F 110 -24.80 -23.46 32.22
C GLU F 110 -23.45 -24.04 31.80
N LYS F 111 -22.43 -23.92 32.66
CA LYS F 111 -21.08 -24.36 32.33
C LYS F 111 -21.04 -25.77 31.73
N ARG F 112 -21.91 -26.63 32.23
CA ARG F 112 -22.01 -27.99 31.72
C ARG F 112 -22.06 -27.94 30.20
N ALA F 113 -23.14 -27.37 29.68
CA ALA F 113 -23.41 -27.32 28.24
C ALA F 113 -22.44 -26.41 27.45
N LEU F 114 -22.12 -25.25 28.01
CA LEU F 114 -21.29 -24.28 27.32
C LEU F 114 -19.87 -24.76 27.10
N LEU F 115 -19.36 -25.57 28.02
CA LEU F 115 -18.02 -26.10 27.88
C LEU F 115 -18.02 -27.32 26.97
N GLU F 116 -19.20 -27.88 26.72
CA GLU F 116 -19.31 -29.09 25.90
C GLU F 116 -18.98 -28.84 24.43
N ASN F 117 -19.34 -27.66 23.92
CA ASN F 117 -18.61 -27.11 22.77
C ASN F 117 -18.33 -25.60 22.89
N MET F 118 -17.06 -25.24 22.95
CA MET F 118 -16.70 -23.83 23.02
C MET F 118 -16.57 -23.25 21.62
N GLU F 119 -16.59 -24.14 20.63
CA GLU F 119 -16.60 -23.75 19.23
C GLU F 119 -17.79 -22.84 18.96
N GLY F 120 -18.99 -23.38 19.18
CA GLY F 120 -20.21 -22.61 18.98
C GLY F 120 -20.08 -21.24 19.62
N LEU F 121 -19.54 -21.18 20.83
CA LEU F 121 -19.39 -19.90 21.52
C LEU F 121 -18.45 -18.93 20.77
N PHE F 122 -17.22 -19.38 20.54
CA PHE F 122 -16.22 -18.59 19.83
C PHE F 122 -16.69 -18.11 18.45
N LEU F 123 -17.58 -18.87 17.84
CA LEU F 123 -18.20 -18.48 16.57
C LEU F 123 -19.28 -17.41 16.78
N ALA F 124 -20.33 -17.77 17.51
CA ALA F 124 -21.44 -16.86 17.79
C ALA F 124 -21.04 -15.46 18.29
N VAL F 125 -20.11 -15.39 19.25
CA VAL F 125 -19.69 -14.08 19.76
C VAL F 125 -19.01 -13.28 18.65
N ASP F 126 -18.37 -14.00 17.74
CA ASP F 126 -17.65 -13.41 16.61
C ASP F 126 -18.63 -12.99 15.51
N GLU F 127 -19.84 -13.57 15.51
CA GLU F 127 -20.90 -13.07 14.65
C GLU F 127 -21.54 -11.83 15.28
N ILE F 128 -21.52 -11.76 16.61
CA ILE F 128 -22.23 -10.68 17.29
C ILE F 128 -21.51 -9.35 17.38
N VAL F 129 -20.23 -9.39 17.73
CA VAL F 129 -19.45 -8.15 17.86
C VAL F 129 -18.11 -8.33 17.17
N ASP F 130 -17.67 -7.30 16.43
CA ASP F 130 -16.39 -7.33 15.77
C ASP F 130 -15.62 -6.09 16.16
N GLY F 131 -14.57 -6.28 16.95
CA GLY F 131 -13.70 -5.18 17.32
C GLY F 131 -14.45 -4.02 17.96
N GLY F 132 -15.53 -4.34 18.65
CA GLY F 132 -16.24 -3.35 19.43
C GLY F 132 -17.39 -2.72 18.68
N VAL F 133 -17.78 -3.38 17.58
CA VAL F 133 -18.89 -2.93 16.77
C VAL F 133 -19.89 -4.04 16.76
N ILE F 134 -21.15 -3.70 16.98
CA ILE F 134 -22.20 -4.72 17.02
C ILE F 134 -22.38 -5.19 15.57
N LEU F 135 -22.10 -6.46 15.31
CA LEU F 135 -22.16 -6.97 13.94
C LEU F 135 -23.59 -7.35 13.56
N GLU F 136 -24.31 -7.91 14.52
CA GLU F 136 -25.70 -8.30 14.36
C GLU F 136 -26.40 -8.41 15.71
N SER F 137 -27.59 -7.84 15.84
CA SER F 137 -28.38 -7.91 17.09
C SER F 137 -29.40 -9.05 17.15
N ASP F 138 -29.52 -9.81 16.06
CA ASP F 138 -30.54 -10.83 15.94
C ASP F 138 -29.98 -12.24 16.09
N PRO F 139 -30.45 -12.97 17.12
CA PRO F 139 -29.97 -14.30 17.50
C PRO F 139 -30.20 -15.39 16.46
N GLN F 140 -31.29 -15.27 15.71
CA GLN F 140 -31.62 -16.28 14.71
C GLN F 140 -30.59 -16.21 13.61
N GLN F 141 -30.27 -14.98 13.22
CA GLN F 141 -29.25 -14.72 12.20
C GLN F 141 -27.89 -15.26 12.62
N VAL F 142 -27.54 -15.07 13.89
CA VAL F 142 -26.30 -15.59 14.46
C VAL F 142 -26.26 -17.11 14.35
N VAL F 143 -27.33 -17.75 14.81
CA VAL F 143 -27.40 -19.20 14.76
C VAL F 143 -27.27 -19.70 13.33
N HIS F 144 -27.95 -19.06 12.39
CA HIS F 144 -27.86 -19.50 11.00
C HIS F 144 -26.45 -19.36 10.46
N ARG F 145 -25.70 -18.42 11.01
CA ARG F 145 -24.37 -18.11 10.50
C ARG F 145 -23.30 -18.97 11.16
N VAL F 146 -23.76 -19.93 11.96
CA VAL F 146 -22.89 -20.90 12.60
C VAL F 146 -23.38 -22.34 12.31
PG GNP G . -2.38 -3.97 -17.62
O1G GNP G . -2.68 -4.34 -16.20
O2G GNP G . -0.96 -3.55 -17.94
O3G GNP G . -3.47 -2.99 -17.96
N3B GNP G . -2.67 -5.29 -18.48
PB GNP G . -2.27 -5.59 -19.99
O1B GNP G . -3.47 -5.40 -20.85
O2B GNP G . -1.07 -4.80 -20.37
O3A GNP G . -1.84 -7.06 -20.03
PA GNP G . -0.41 -7.47 -20.44
O1A GNP G . -0.24 -7.35 -21.92
O2A GNP G . 0.60 -6.80 -19.58
O5' GNP G . -0.26 -8.98 -20.06
C5' GNP G . -1.38 -9.84 -20.08
C4' GNP G . -0.95 -11.21 -19.63
O4' GNP G . -1.46 -12.18 -20.58
C3' GNP G . 0.55 -11.45 -19.66
O3' GNP G . 0.82 -12.63 -18.93
C2' GNP G . 0.77 -11.64 -21.16
O2' GNP G . 1.96 -12.31 -21.51
C1' GNP G . -0.42 -12.53 -21.49
N9 GNP G . -0.88 -12.33 -22.85
C8 GNP G . -0.93 -11.17 -23.57
N7 GNP G . -1.39 -11.37 -24.78
C5 GNP G . -1.65 -12.74 -24.86
C6 GNP G . -2.14 -13.56 -25.90
O6 GNP G . -2.48 -13.26 -27.05
N1 GNP G . -2.22 -14.90 -25.51
C2 GNP G . -1.88 -15.39 -24.27
N2 GNP G . -2.03 -16.70 -24.05
N3 GNP G . -1.42 -14.63 -23.29
C4 GNP G . -1.33 -13.34 -23.66
MG MG H . -0.71 -2.43 -19.98
PG GNP I . 2.57 -16.20 -8.90
O1G GNP I . 3.01 -14.78 -8.65
O2G GNP I . 1.10 -16.54 -8.67
O3G GNP I . 3.54 -16.95 -8.01
N3B GNP I . 2.89 -16.60 -10.43
PB GNP I . 2.33 -17.91 -11.19
O1B GNP I . 3.43 -18.82 -11.52
O2B GNP I . 1.19 -18.50 -10.39
O3A GNP I . 1.82 -17.43 -12.58
PA GNP I . 0.39 -17.61 -13.18
O1A GNP I . 0.08 -19.04 -13.43
O2A GNP I . -0.65 -16.88 -12.40
O5' GNP I . 0.48 -17.01 -14.64
C5' GNP I . 1.19 -15.85 -14.96
C4' GNP I . 0.86 -15.51 -16.39
O4' GNP I . 1.55 -16.46 -17.24
C3' GNP I . -0.62 -15.63 -16.74
O3' GNP I . -0.97 -14.72 -17.77
C2' GNP I . -0.71 -17.06 -17.27
O2' GNP I . -1.79 -17.30 -18.14
C1' GNP I . 0.56 -17.04 -18.09
N9 GNP I . 0.97 -18.36 -18.53
C8 GNP I . 1.01 -19.52 -17.80
N7 GNP I . 1.43 -20.53 -18.51
C5 GNP I . 1.67 -20.00 -19.78
C6 GNP I . 2.15 -20.61 -20.97
O6 GNP I . 2.46 -21.80 -21.16
N1 GNP I . 2.25 -19.70 -22.01
C2 GNP I . 1.93 -18.37 -21.93
N2 GNP I . 2.10 -17.65 -23.06
N3 GNP I . 1.49 -17.77 -20.84
C4 GNP I . 1.38 -18.66 -19.81
MG MG J . 0.84 -18.94 -7.82
#